data_3P7K
# 
_entry.id   3P7K 
# 
_audit_conform.dict_name       mmcif_pdbx.dic 
_audit_conform.dict_version    5.387 
_audit_conform.dict_location   http://mmcif.pdb.org/dictionaries/ascii/mmcif_pdbx.dic 
# 
loop_
_database_2.database_id 
_database_2.database_code 
_database_2.pdbx_database_accession 
_database_2.pdbx_DOI 
PDB   3P7K         pdb_00003p7k 10.2210/pdb3p7k/pdb 
RCSB  RCSB062055   ?            ?                   
WWPDB D_1000062055 ?            ?                   
# 
loop_
_pdbx_audit_revision_history.ordinal 
_pdbx_audit_revision_history.data_content_type 
_pdbx_audit_revision_history.major_revision 
_pdbx_audit_revision_history.minor_revision 
_pdbx_audit_revision_history.revision_date 
1 'Structure model' 1 0 2011-06-08 
2 'Structure model' 1 1 2011-07-13 
3 'Structure model' 1 2 2018-12-05 
4 'Structure model' 1 3 2024-02-21 
# 
_pdbx_audit_revision_details.ordinal             1 
_pdbx_audit_revision_details.revision_ordinal    1 
_pdbx_audit_revision_details.data_content_type   'Structure model' 
_pdbx_audit_revision_details.provider            repository 
_pdbx_audit_revision_details.type                'Initial release' 
_pdbx_audit_revision_details.description         ? 
_pdbx_audit_revision_details.details             ? 
# 
loop_
_pdbx_audit_revision_group.ordinal 
_pdbx_audit_revision_group.revision_ordinal 
_pdbx_audit_revision_group.data_content_type 
_pdbx_audit_revision_group.group 
1 2 'Structure model' 'Version format compliance' 
2 3 'Structure model' 'Data collection'           
3 4 'Structure model' 'Data collection'           
4 4 'Structure model' 'Database references'       
# 
loop_
_pdbx_audit_revision_category.ordinal 
_pdbx_audit_revision_category.revision_ordinal 
_pdbx_audit_revision_category.data_content_type 
_pdbx_audit_revision_category.category 
1 3 'Structure model' diffrn_radiation_wavelength 
2 4 'Structure model' chem_comp_atom              
3 4 'Structure model' chem_comp_bond              
4 4 'Structure model' database_2                  
# 
loop_
_pdbx_audit_revision_item.ordinal 
_pdbx_audit_revision_item.revision_ordinal 
_pdbx_audit_revision_item.data_content_type 
_pdbx_audit_revision_item.item 
1 4 'Structure model' '_database_2.pdbx_DOI'                
2 4 'Structure model' '_database_2.pdbx_database_accession' 
# 
_pdbx_database_status.status_code                     REL 
_pdbx_database_status.entry_id                        3P7K 
_pdbx_database_status.recvd_initial_deposition_date   2010-10-12 
_pdbx_database_status.deposit_site                    RCSB 
_pdbx_database_status.process_site                    RCSB 
_pdbx_database_status.status_code_sf                  REL 
_pdbx_database_status.status_code_mr                  ? 
_pdbx_database_status.SG_entry                        ? 
_pdbx_database_status.status_code_cs                  ? 
_pdbx_database_status.pdb_format_compatible           Y 
_pdbx_database_status.methods_development_category    ? 
_pdbx_database_status.status_code_nmr_data            ? 
# 
loop_
_audit_author.name 
_audit_author.pdbx_ordinal 
_audit_author.identifier_ORCID 
'Namboodiri, H.V.M.' 1 ? 
'Springman, E.B.'    2 ? 
# 
loop_
_entity.id 
_entity.type 
_entity.src_method 
_entity.pdbx_description 
_entity.formula_weight 
_entity.pdbx_number_of_molecules 
_entity.pdbx_ec 
_entity.pdbx_mutation 
_entity.pdbx_fragment 
_entity.details 
1 polymer syn 'gp41 peptide' 5257.242 1 ? ? ? ? 
2 water   nat water          18.015   8 ? ? ? ? 
# 
_entity_poly.entity_id                      1 
_entity_poly.type                           'polypeptide(L)' 
_entity_poly.nstd_linkage                   no 
_entity_poly.nstd_monomer                   no 
_entity_poly.pdbx_seq_one_letter_code       KIEAIEKKQNNLLRAIEAQQHLLQLTVWGIKQLQARILAVEKKIE 
_entity_poly.pdbx_seq_one_letter_code_can   KIEAIEKKQNNLLRAIEAQQHLLQLTVWGIKQLQARILAVEKKIE 
_entity_poly.pdbx_strand_id                 A 
_entity_poly.pdbx_target_identifier         ? 
# 
_pdbx_entity_nonpoly.entity_id   2 
_pdbx_entity_nonpoly.name        water 
_pdbx_entity_nonpoly.comp_id     HOH 
# 
loop_
_entity_poly_seq.entity_id 
_entity_poly_seq.num 
_entity_poly_seq.mon_id 
_entity_poly_seq.hetero 
1 1  LYS n 
1 2  ILE n 
1 3  GLU n 
1 4  ALA n 
1 5  ILE n 
1 6  GLU n 
1 7  LYS n 
1 8  LYS n 
1 9  GLN n 
1 10 ASN n 
1 11 ASN n 
1 12 LEU n 
1 13 LEU n 
1 14 ARG n 
1 15 ALA n 
1 16 ILE n 
1 17 GLU n 
1 18 ALA n 
1 19 GLN n 
1 20 GLN n 
1 21 HIS n 
1 22 LEU n 
1 23 LEU n 
1 24 GLN n 
1 25 LEU n 
1 26 THR n 
1 27 VAL n 
1 28 TRP n 
1 29 GLY n 
1 30 ILE n 
1 31 LYS n 
1 32 GLN n 
1 33 LEU n 
1 34 GLN n 
1 35 ALA n 
1 36 ARG n 
1 37 ILE n 
1 38 LEU n 
1 39 ALA n 
1 40 VAL n 
1 41 GLU n 
1 42 LYS n 
1 43 LYS n 
1 44 ILE n 
1 45 GLU n 
# 
loop_
_chem_comp.id 
_chem_comp.type 
_chem_comp.mon_nstd_flag 
_chem_comp.name 
_chem_comp.pdbx_synonyms 
_chem_comp.formula 
_chem_comp.formula_weight 
ALA 'L-peptide linking' y ALANINE         ? 'C3 H7 N O2'     89.093  
ARG 'L-peptide linking' y ARGININE        ? 'C6 H15 N4 O2 1' 175.209 
ASN 'L-peptide linking' y ASPARAGINE      ? 'C4 H8 N2 O3'    132.118 
GLN 'L-peptide linking' y GLUTAMINE       ? 'C5 H10 N2 O3'   146.144 
GLU 'L-peptide linking' y 'GLUTAMIC ACID' ? 'C5 H9 N O4'     147.129 
GLY 'peptide linking'   y GLYCINE         ? 'C2 H5 N O2'     75.067  
HIS 'L-peptide linking' y HISTIDINE       ? 'C6 H10 N3 O2 1' 156.162 
HOH non-polymer         . WATER           ? 'H2 O'           18.015  
ILE 'L-peptide linking' y ISOLEUCINE      ? 'C6 H13 N O2'    131.173 
LEU 'L-peptide linking' y LEUCINE         ? 'C6 H13 N O2'    131.173 
LYS 'L-peptide linking' y LYSINE          ? 'C6 H15 N2 O2 1' 147.195 
THR 'L-peptide linking' y THREONINE       ? 'C4 H9 N O3'     119.119 
TRP 'L-peptide linking' y TRYPTOPHAN      ? 'C11 H12 N2 O2'  204.225 
VAL 'L-peptide linking' y VALINE          ? 'C5 H11 N O2'    117.146 
# 
loop_
_pdbx_poly_seq_scheme.asym_id 
_pdbx_poly_seq_scheme.entity_id 
_pdbx_poly_seq_scheme.seq_id 
_pdbx_poly_seq_scheme.mon_id 
_pdbx_poly_seq_scheme.ndb_seq_num 
_pdbx_poly_seq_scheme.pdb_seq_num 
_pdbx_poly_seq_scheme.auth_seq_num 
_pdbx_poly_seq_scheme.pdb_mon_id 
_pdbx_poly_seq_scheme.auth_mon_id 
_pdbx_poly_seq_scheme.pdb_strand_id 
_pdbx_poly_seq_scheme.pdb_ins_code 
_pdbx_poly_seq_scheme.hetero 
A 1 1  LYS 1  1  1  LYS LYS A . n 
A 1 2  ILE 2  2  2  ILE ILE A . n 
A 1 3  GLU 3  3  3  GLU GLU A . n 
A 1 4  ALA 4  4  4  ALA ALA A . n 
A 1 5  ILE 5  5  5  ILE ILE A . n 
A 1 6  GLU 6  6  6  GLU GLU A . n 
A 1 7  LYS 7  7  7  LYS LYS A . n 
A 1 8  LYS 8  8  8  LYS LYS A . n 
A 1 9  GLN 9  9  9  GLN GLN A . n 
A 1 10 ASN 10 10 10 ASN ASN A . n 
A 1 11 ASN 11 11 11 ASN ASN A . n 
A 1 12 LEU 12 12 12 LEU LEU A . n 
A 1 13 LEU 13 13 13 LEU LEU A . n 
A 1 14 ARG 14 14 14 ARG ARG A . n 
A 1 15 ALA 15 15 15 ALA ALA A . n 
A 1 16 ILE 16 16 16 ILE ILE A . n 
A 1 17 GLU 17 17 17 GLU GLU A . n 
A 1 18 ALA 18 18 18 ALA ALA A . n 
A 1 19 GLN 19 19 19 GLN GLN A . n 
A 1 20 GLN 20 20 20 GLN GLN A . n 
A 1 21 HIS 21 21 21 HIS HIS A . n 
A 1 22 LEU 22 22 22 LEU LEU A . n 
A 1 23 LEU 23 23 23 LEU LEU A . n 
A 1 24 GLN 24 24 24 GLN GLN A . n 
A 1 25 LEU 25 25 25 LEU LEU A . n 
A 1 26 THR 26 26 26 THR THR A . n 
A 1 27 VAL 27 27 27 VAL VAL A . n 
A 1 28 TRP 28 28 28 TRP TRP A . n 
A 1 29 GLY 29 29 29 GLY GLY A . n 
A 1 30 ILE 30 30 30 ILE ILE A . n 
A 1 31 LYS 31 31 31 LYS LYS A . n 
A 1 32 GLN 32 32 32 GLN GLN A . n 
A 1 33 LEU 33 33 33 LEU LEU A . n 
A 1 34 GLN 34 34 34 GLN GLN A . n 
A 1 35 ALA 35 35 35 ALA ALA A . n 
A 1 36 ARG 36 36 36 ARG ARG A . n 
A 1 37 ILE 37 37 37 ILE ILE A . n 
A 1 38 LEU 38 38 38 LEU LEU A . n 
A 1 39 ALA 39 39 39 ALA ALA A . n 
A 1 40 VAL 40 40 40 VAL VAL A . n 
A 1 41 GLU 41 41 41 GLU GLU A . n 
A 1 42 LYS 42 42 42 LYS LYS A . n 
A 1 43 LYS 43 43 43 LYS LYS A . n 
A 1 44 ILE 44 44 44 ILE ILE A . n 
A 1 45 GLU 45 45 45 GLU GLU A . n 
# 
loop_
_pdbx_nonpoly_scheme.asym_id 
_pdbx_nonpoly_scheme.entity_id 
_pdbx_nonpoly_scheme.mon_id 
_pdbx_nonpoly_scheme.ndb_seq_num 
_pdbx_nonpoly_scheme.pdb_seq_num 
_pdbx_nonpoly_scheme.auth_seq_num 
_pdbx_nonpoly_scheme.pdb_mon_id 
_pdbx_nonpoly_scheme.auth_mon_id 
_pdbx_nonpoly_scheme.pdb_strand_id 
_pdbx_nonpoly_scheme.pdb_ins_code 
B 2 HOH 1 46 1 HOH HOH A . 
B 2 HOH 2 47 2 HOH HOH A . 
B 2 HOH 3 48 3 HOH HOH A . 
B 2 HOH 4 49 4 HOH HOH A . 
B 2 HOH 5 50 5 HOH HOH A . 
B 2 HOH 6 51 6 HOH HOH A . 
B 2 HOH 7 52 7 HOH HOH A . 
B 2 HOH 8 53 8 HOH HOH A . 
# 
loop_
_software.name 
_software.classification 
_software.version 
_software.citation_id 
_software.pdbx_ordinal 
HKL-2000 'data collection' . ? 1 
CNS      refinement        . ? 2 
HKL-2000 'data reduction'  . ? 3 
HKL-2000 'data scaling'    . ? 4 
CNS      phasing           . ? 5 
# 
_cell.entry_id           3P7K 
_cell.length_a           41.680 
_cell.length_b           41.680 
_cell.length_c           151.870 
_cell.angle_alpha        90.00 
_cell.angle_beta         90.00 
_cell.angle_gamma        120.00 
_cell.Z_PDB              12 
_cell.pdbx_unique_axis   ? 
_cell.length_a_esd       ? 
_cell.length_b_esd       ? 
_cell.length_c_esd       ? 
_cell.angle_alpha_esd    ? 
_cell.angle_beta_esd     ? 
_cell.angle_gamma_esd    ? 
# 
_symmetry.entry_id                         3P7K 
_symmetry.space_group_name_H-M             'P 63 2 2' 
_symmetry.pdbx_full_space_group_name_H-M   ? 
_symmetry.cell_setting                     ? 
_symmetry.Int_Tables_number                182 
_symmetry.space_group_name_Hall            ? 
# 
_exptl.entry_id          3P7K 
_exptl.method            'X-RAY DIFFRACTION' 
_exptl.crystals_number   1 
# 
_exptl_crystal.id                    1 
_exptl_crystal.density_meas          ? 
_exptl_crystal.density_Matthews      3.62 
_exptl_crystal.density_percent_sol   66.04 
_exptl_crystal.description           ? 
_exptl_crystal.F_000                 ? 
_exptl_crystal.preparation           ? 
# 
_exptl_crystal_grow.crystal_id      1 
_exptl_crystal_grow.method          'VAPOR DIFFUSION, SITTING DROP' 
_exptl_crystal_grow.temp            293 
_exptl_crystal_grow.temp_details    ? 
_exptl_crystal_grow.pH              5.6 
_exptl_crystal_grow.pdbx_details    
;equal volume of 10mg/mL peptide and mother liquor: 5-10% ethylene glycol, 10% PEG 4000, 24-28% isopropanol, 0.1 M Na citrate, 1% beta-octylglucoside, pH 5.6, VAPOR DIFFUSION, SITTING DROP, temperature 293K
;
_exptl_crystal_grow.pdbx_pH_range   ? 
# 
_diffrn.id                     1 
_diffrn.ambient_temp           100 
_diffrn.ambient_temp_details   ? 
_diffrn.crystal_id             1 
# 
_diffrn_detector.diffrn_id              1 
_diffrn_detector.detector               CCD 
_diffrn_detector.type                   'ADSC QUANTUM 4' 
_diffrn_detector.pdbx_collection_date   2005-02-03 
_diffrn_detector.details                ? 
# 
_diffrn_radiation.diffrn_id                        1 
_diffrn_radiation.wavelength_id                    1 
_diffrn_radiation.pdbx_monochromatic_or_laue_m_l   M 
_diffrn_radiation.monochromator                    'SAGITALLY FOCUSED Si(111)' 
_diffrn_radiation.pdbx_diffrn_protocol             'SINGLE WAVELENGTH' 
_diffrn_radiation.pdbx_scattering_type             x-ray 
# 
_diffrn_radiation_wavelength.id           1 
_diffrn_radiation_wavelength.wavelength   . 
_diffrn_radiation_wavelength.wt           1.0 
# 
_diffrn_source.diffrn_id                   1 
_diffrn_source.source                      SYNCHROTRON 
_diffrn_source.type                        'NSLS BEAMLINE X4A' 
_diffrn_source.pdbx_synchrotron_site       NSLS 
_diffrn_source.pdbx_synchrotron_beamline   X4A 
_diffrn_source.pdbx_wavelength             ? 
_diffrn_source.pdbx_wavelength_list        ? 
# 
_reflns.entry_id                     3P7K 
_reflns.observed_criterion_sigma_I   0 
_reflns.observed_criterion_sigma_F   0 
_reflns.d_resolution_low             40 
_reflns.d_resolution_high            2.3 
_reflns.number_obs                   3773 
_reflns.number_all                   ? 
_reflns.percent_possible_obs         96.1 
_reflns.pdbx_Rmerge_I_obs            ? 
_reflns.pdbx_Rsym_value              ? 
_reflns.pdbx_netI_over_sigmaI        ? 
_reflns.B_iso_Wilson_estimate        ? 
_reflns.pdbx_redundancy              ? 
_reflns.R_free_details               ? 
_reflns.limit_h_max                  ? 
_reflns.limit_h_min                  ? 
_reflns.limit_k_max                  ? 
_reflns.limit_k_min                  ? 
_reflns.limit_l_max                  ? 
_reflns.limit_l_min                  ? 
_reflns.observed_criterion_F_max     ? 
_reflns.observed_criterion_F_min     ? 
_reflns.pdbx_chi_squared             ? 
_reflns.pdbx_scaling_rejects         ? 
_reflns.pdbx_ordinal                 1 
_reflns.pdbx_diffrn_id               1 
# 
_refine.entry_id                                 3P7K 
_refine.ls_number_reflns_obs                     3468 
_refine.ls_number_reflns_all                     3945 
_refine.pdbx_ls_sigma_I                          ? 
_refine.pdbx_ls_sigma_F                          1 
_refine.pdbx_data_cutoff_high_absF               ? 
_refine.pdbx_data_cutoff_low_absF                ? 
_refine.pdbx_data_cutoff_high_rms_absF           ? 
_refine.ls_d_res_low                             40 
_refine.ls_d_res_high                            2.3 
_refine.ls_percent_reflns_obs                    ? 
_refine.ls_R_factor_obs                          ? 
_refine.ls_R_factor_all                          ? 
_refine.ls_R_factor_R_work                       0.3160 
_refine.ls_R_factor_R_free                       0.3206 
_refine.ls_R_factor_R_free_error                 ? 
_refine.ls_R_factor_R_free_error_details         ? 
_refine.ls_percent_reflns_R_free                 ? 
_refine.ls_number_reflns_R_free                  285 
_refine.ls_number_parameters                     ? 
_refine.ls_number_restraints                     ? 
_refine.occupancy_min                            ? 
_refine.occupancy_max                            ? 
_refine.correlation_coeff_Fo_to_Fc               ? 
_refine.correlation_coeff_Fo_to_Fc_free          ? 
_refine.B_iso_mean                               ? 
_refine.aniso_B[1][1]                            ? 
_refine.aniso_B[2][2]                            ? 
_refine.aniso_B[3][3]                            ? 
_refine.aniso_B[1][2]                            ? 
_refine.aniso_B[1][3]                            ? 
_refine.aniso_B[2][3]                            ? 
_refine.solvent_model_details                    ? 
_refine.solvent_model_param_ksol                 ? 
_refine.solvent_model_param_bsol                 ? 
_refine.pdbx_solvent_vdw_probe_radii             ? 
_refine.pdbx_solvent_ion_probe_radii             ? 
_refine.pdbx_solvent_shrinkage_radii             ? 
_refine.pdbx_ls_cross_valid_method               ? 
_refine.details                                  ? 
_refine.pdbx_starting_model                      ? 
_refine.pdbx_method_to_determine_struct          'MOLECULAR REPLACEMENT' 
_refine.pdbx_isotropic_thermal_model             ? 
_refine.pdbx_stereochemistry_target_values       'Engh & Huber' 
_refine.pdbx_stereochem_target_val_spec_case     ? 
_refine.pdbx_R_Free_selection_details            random 
_refine.pdbx_overall_ESU_R_Free                  ? 
_refine.overall_SU_ML                            ? 
_refine.overall_SU_B                             ? 
_refine.overall_SU_R_Cruickshank_DPI             ? 
_refine.ls_redundancy_reflns_obs                 ? 
_refine.B_iso_min                                ? 
_refine.B_iso_max                                ? 
_refine.overall_SU_R_free                        ? 
_refine.ls_wR_factor_R_free                      ? 
_refine.ls_wR_factor_R_work                      ? 
_refine.overall_FOM_free_R_set                   ? 
_refine.overall_FOM_work_R_set                   ? 
_refine.pdbx_overall_phase_error                 ? 
_refine.pdbx_refine_id                           'X-RAY DIFFRACTION' 
_refine.pdbx_diffrn_id                           1 
_refine.pdbx_overall_ESU_R                       ? 
_refine.pdbx_TLS_residual_ADP_flag               ? 
_refine.pdbx_overall_SU_R_free_Cruickshank_DPI   ? 
_refine.pdbx_overall_SU_R_Blow_DPI               ? 
_refine.pdbx_overall_SU_R_free_Blow_DPI          ? 
# 
_refine_hist.pdbx_refine_id                   'X-RAY DIFFRACTION' 
_refine_hist.cycle_id                         LAST 
_refine_hist.pdbx_number_atoms_protein        369 
_refine_hist.pdbx_number_atoms_nucleic_acid   0 
_refine_hist.pdbx_number_atoms_ligand         0 
_refine_hist.number_atoms_solvent             8 
_refine_hist.number_atoms_total               377 
_refine_hist.d_res_high                       2.3 
_refine_hist.d_res_low                        40 
# 
_struct.entry_id                  3P7K 
_struct.title                     'GP41 peptide' 
_struct.pdbx_model_details        ? 
_struct.pdbx_CASP_flag            ? 
_struct.pdbx_model_type_details   ? 
# 
_struct_keywords.entry_id        3P7K 
_struct_keywords.pdbx_keywords   'VIRAL PROTEIN' 
_struct_keywords.text            'gp41 peptide, VIRAL PROTEIN' 
# 
loop_
_struct_asym.id 
_struct_asym.pdbx_blank_PDB_chainid_flag 
_struct_asym.pdbx_modified 
_struct_asym.entity_id 
_struct_asym.details 
A N N 1 ? 
B N N 2 ? 
# 
_struct_ref.id                         1 
_struct_ref.db_name                    PDB 
_struct_ref.db_code                    3P7K 
_struct_ref.pdbx_db_accession          3P7K 
_struct_ref.entity_id                  1 
_struct_ref.pdbx_align_begin           ? 
_struct_ref.pdbx_seq_one_letter_code   ? 
_struct_ref.pdbx_db_isoform            ? 
# 
_struct_ref_seq.align_id                      1 
_struct_ref_seq.ref_id                        1 
_struct_ref_seq.pdbx_PDB_id_code              3P7K 
_struct_ref_seq.pdbx_strand_id                A 
_struct_ref_seq.seq_align_beg                 1 
_struct_ref_seq.pdbx_seq_align_beg_ins_code   ? 
_struct_ref_seq.seq_align_end                 45 
_struct_ref_seq.pdbx_seq_align_end_ins_code   ? 
_struct_ref_seq.pdbx_db_accession             3P7K 
_struct_ref_seq.db_align_beg                  1 
_struct_ref_seq.pdbx_db_align_beg_ins_code    ? 
_struct_ref_seq.db_align_end                  45 
_struct_ref_seq.pdbx_db_align_end_ins_code    ? 
_struct_ref_seq.pdbx_auth_seq_align_beg       1 
_struct_ref_seq.pdbx_auth_seq_align_end       45 
# 
loop_
_pdbx_struct_assembly.id 
_pdbx_struct_assembly.details 
_pdbx_struct_assembly.method_details 
_pdbx_struct_assembly.oligomeric_details 
_pdbx_struct_assembly.oligomeric_count 
1 author_defined_assembly   ?    monomeric 1 
2 software_defined_assembly PISA trimeric  3 
# 
loop_
_pdbx_struct_assembly_prop.biol_id 
_pdbx_struct_assembly_prop.type 
_pdbx_struct_assembly_prop.value 
_pdbx_struct_assembly_prop.details 
2 'ABSA (A^2)' 5320 ? 
2 MORE         -43  ? 
2 'SSA (A^2)'  8760 ? 
# 
loop_
_pdbx_struct_assembly_gen.assembly_id 
_pdbx_struct_assembly_gen.oper_expression 
_pdbx_struct_assembly_gen.asym_id_list 
1 1     A,B 
2 1,2,3 A,B 
# 
loop_
_pdbx_struct_oper_list.id 
_pdbx_struct_oper_list.type 
_pdbx_struct_oper_list.name 
_pdbx_struct_oper_list.symmetry_operation 
_pdbx_struct_oper_list.matrix[1][1] 
_pdbx_struct_oper_list.matrix[1][2] 
_pdbx_struct_oper_list.matrix[1][3] 
_pdbx_struct_oper_list.vector[1] 
_pdbx_struct_oper_list.matrix[2][1] 
_pdbx_struct_oper_list.matrix[2][2] 
_pdbx_struct_oper_list.matrix[2][3] 
_pdbx_struct_oper_list.vector[2] 
_pdbx_struct_oper_list.matrix[3][1] 
_pdbx_struct_oper_list.matrix[3][2] 
_pdbx_struct_oper_list.matrix[3][3] 
_pdbx_struct_oper_list.vector[3] 
1 'identity operation'         1_555 x,y,z       1.0000000000 0.0000000000 0.0000000000  0.0000000000  0.0000000000 1.0000000000  0.0000000000  0.0000000000  0.0000000000  0.0000000000  1.0000000000  0.0000000000  
2 'crystal symmetry operation' 2_545 -y,x-y-1,z  0.6567076647 0.6424448605 0.3949679029  1.6753211955  0.6172732421 -0.1570244699 -0.7709196200 -3.2821220277 -0.4332537222 0.7500719413  -0.4996831948 -6.7605918615 
3 'crystal symmetry operation' 3_655 -x+y+1,-x,z 0.6567076647 0.6172732421 -0.4332537222 -2.0032817530 0.6424448605 -0.1570244699 0.7500719413  3.4792552983  0.3949679029  -0.7709196200 -0.4996831948 -6.5701045064 
# 
_struct_conf.conf_type_id            HELX_P 
_struct_conf.id                      HELX_P1 
_struct_conf.pdbx_PDB_helix_id       1 
_struct_conf.beg_label_comp_id       LYS 
_struct_conf.beg_label_asym_id       A 
_struct_conf.beg_label_seq_id        1 
_struct_conf.pdbx_beg_PDB_ins_code   ? 
_struct_conf.end_label_comp_id       ILE 
_struct_conf.end_label_asym_id       A 
_struct_conf.end_label_seq_id        44 
_struct_conf.pdbx_end_PDB_ins_code   ? 
_struct_conf.beg_auth_comp_id        LYS 
_struct_conf.beg_auth_asym_id        A 
_struct_conf.beg_auth_seq_id         1 
_struct_conf.end_auth_comp_id        ILE 
_struct_conf.end_auth_asym_id        A 
_struct_conf.end_auth_seq_id         44 
_struct_conf.pdbx_PDB_helix_class    1 
_struct_conf.details                 ? 
_struct_conf.pdbx_PDB_helix_length   44 
# 
_struct_conf_type.id          HELX_P 
_struct_conf_type.criteria    ? 
_struct_conf_type.reference   ? 
# 
_pdbx_struct_special_symmetry.id              1 
_pdbx_struct_special_symmetry.PDB_model_num   1 
_pdbx_struct_special_symmetry.auth_asym_id    A 
_pdbx_struct_special_symmetry.auth_comp_id    HOH 
_pdbx_struct_special_symmetry.auth_seq_id     51 
_pdbx_struct_special_symmetry.PDB_ins_code    ? 
_pdbx_struct_special_symmetry.label_asym_id   B 
_pdbx_struct_special_symmetry.label_comp_id   HOH 
_pdbx_struct_special_symmetry.label_seq_id    . 
# 
loop_
_chem_comp_atom.comp_id 
_chem_comp_atom.atom_id 
_chem_comp_atom.type_symbol 
_chem_comp_atom.pdbx_aromatic_flag 
_chem_comp_atom.pdbx_stereo_config 
_chem_comp_atom.pdbx_ordinal 
ALA N    N N N 1   
ALA CA   C N S 2   
ALA C    C N N 3   
ALA O    O N N 4   
ALA CB   C N N 5   
ALA OXT  O N N 6   
ALA H    H N N 7   
ALA H2   H N N 8   
ALA HA   H N N 9   
ALA HB1  H N N 10  
ALA HB2  H N N 11  
ALA HB3  H N N 12  
ALA HXT  H N N 13  
ARG N    N N N 14  
ARG CA   C N S 15  
ARG C    C N N 16  
ARG O    O N N 17  
ARG CB   C N N 18  
ARG CG   C N N 19  
ARG CD   C N N 20  
ARG NE   N N N 21  
ARG CZ   C N N 22  
ARG NH1  N N N 23  
ARG NH2  N N N 24  
ARG OXT  O N N 25  
ARG H    H N N 26  
ARG H2   H N N 27  
ARG HA   H N N 28  
ARG HB2  H N N 29  
ARG HB3  H N N 30  
ARG HG2  H N N 31  
ARG HG3  H N N 32  
ARG HD2  H N N 33  
ARG HD3  H N N 34  
ARG HE   H N N 35  
ARG HH11 H N N 36  
ARG HH12 H N N 37  
ARG HH21 H N N 38  
ARG HH22 H N N 39  
ARG HXT  H N N 40  
ASN N    N N N 41  
ASN CA   C N S 42  
ASN C    C N N 43  
ASN O    O N N 44  
ASN CB   C N N 45  
ASN CG   C N N 46  
ASN OD1  O N N 47  
ASN ND2  N N N 48  
ASN OXT  O N N 49  
ASN H    H N N 50  
ASN H2   H N N 51  
ASN HA   H N N 52  
ASN HB2  H N N 53  
ASN HB3  H N N 54  
ASN HD21 H N N 55  
ASN HD22 H N N 56  
ASN HXT  H N N 57  
GLN N    N N N 58  
GLN CA   C N S 59  
GLN C    C N N 60  
GLN O    O N N 61  
GLN CB   C N N 62  
GLN CG   C N N 63  
GLN CD   C N N 64  
GLN OE1  O N N 65  
GLN NE2  N N N 66  
GLN OXT  O N N 67  
GLN H    H N N 68  
GLN H2   H N N 69  
GLN HA   H N N 70  
GLN HB2  H N N 71  
GLN HB3  H N N 72  
GLN HG2  H N N 73  
GLN HG3  H N N 74  
GLN HE21 H N N 75  
GLN HE22 H N N 76  
GLN HXT  H N N 77  
GLU N    N N N 78  
GLU CA   C N S 79  
GLU C    C N N 80  
GLU O    O N N 81  
GLU CB   C N N 82  
GLU CG   C N N 83  
GLU CD   C N N 84  
GLU OE1  O N N 85  
GLU OE2  O N N 86  
GLU OXT  O N N 87  
GLU H    H N N 88  
GLU H2   H N N 89  
GLU HA   H N N 90  
GLU HB2  H N N 91  
GLU HB3  H N N 92  
GLU HG2  H N N 93  
GLU HG3  H N N 94  
GLU HE2  H N N 95  
GLU HXT  H N N 96  
GLY N    N N N 97  
GLY CA   C N N 98  
GLY C    C N N 99  
GLY O    O N N 100 
GLY OXT  O N N 101 
GLY H    H N N 102 
GLY H2   H N N 103 
GLY HA2  H N N 104 
GLY HA3  H N N 105 
GLY HXT  H N N 106 
HIS N    N N N 107 
HIS CA   C N S 108 
HIS C    C N N 109 
HIS O    O N N 110 
HIS CB   C N N 111 
HIS CG   C Y N 112 
HIS ND1  N Y N 113 
HIS CD2  C Y N 114 
HIS CE1  C Y N 115 
HIS NE2  N Y N 116 
HIS OXT  O N N 117 
HIS H    H N N 118 
HIS H2   H N N 119 
HIS HA   H N N 120 
HIS HB2  H N N 121 
HIS HB3  H N N 122 
HIS HD1  H N N 123 
HIS HD2  H N N 124 
HIS HE1  H N N 125 
HIS HE2  H N N 126 
HIS HXT  H N N 127 
HOH O    O N N 128 
HOH H1   H N N 129 
HOH H2   H N N 130 
ILE N    N N N 131 
ILE CA   C N S 132 
ILE C    C N N 133 
ILE O    O N N 134 
ILE CB   C N S 135 
ILE CG1  C N N 136 
ILE CG2  C N N 137 
ILE CD1  C N N 138 
ILE OXT  O N N 139 
ILE H    H N N 140 
ILE H2   H N N 141 
ILE HA   H N N 142 
ILE HB   H N N 143 
ILE HG12 H N N 144 
ILE HG13 H N N 145 
ILE HG21 H N N 146 
ILE HG22 H N N 147 
ILE HG23 H N N 148 
ILE HD11 H N N 149 
ILE HD12 H N N 150 
ILE HD13 H N N 151 
ILE HXT  H N N 152 
LEU N    N N N 153 
LEU CA   C N S 154 
LEU C    C N N 155 
LEU O    O N N 156 
LEU CB   C N N 157 
LEU CG   C N N 158 
LEU CD1  C N N 159 
LEU CD2  C N N 160 
LEU OXT  O N N 161 
LEU H    H N N 162 
LEU H2   H N N 163 
LEU HA   H N N 164 
LEU HB2  H N N 165 
LEU HB3  H N N 166 
LEU HG   H N N 167 
LEU HD11 H N N 168 
LEU HD12 H N N 169 
LEU HD13 H N N 170 
LEU HD21 H N N 171 
LEU HD22 H N N 172 
LEU HD23 H N N 173 
LEU HXT  H N N 174 
LYS N    N N N 175 
LYS CA   C N S 176 
LYS C    C N N 177 
LYS O    O N N 178 
LYS CB   C N N 179 
LYS CG   C N N 180 
LYS CD   C N N 181 
LYS CE   C N N 182 
LYS NZ   N N N 183 
LYS OXT  O N N 184 
LYS H    H N N 185 
LYS H2   H N N 186 
LYS HA   H N N 187 
LYS HB2  H N N 188 
LYS HB3  H N N 189 
LYS HG2  H N N 190 
LYS HG3  H N N 191 
LYS HD2  H N N 192 
LYS HD3  H N N 193 
LYS HE2  H N N 194 
LYS HE3  H N N 195 
LYS HZ1  H N N 196 
LYS HZ2  H N N 197 
LYS HZ3  H N N 198 
LYS HXT  H N N 199 
THR N    N N N 200 
THR CA   C N S 201 
THR C    C N N 202 
THR O    O N N 203 
THR CB   C N R 204 
THR OG1  O N N 205 
THR CG2  C N N 206 
THR OXT  O N N 207 
THR H    H N N 208 
THR H2   H N N 209 
THR HA   H N N 210 
THR HB   H N N 211 
THR HG1  H N N 212 
THR HG21 H N N 213 
THR HG22 H N N 214 
THR HG23 H N N 215 
THR HXT  H N N 216 
TRP N    N N N 217 
TRP CA   C N S 218 
TRP C    C N N 219 
TRP O    O N N 220 
TRP CB   C N N 221 
TRP CG   C Y N 222 
TRP CD1  C Y N 223 
TRP CD2  C Y N 224 
TRP NE1  N Y N 225 
TRP CE2  C Y N 226 
TRP CE3  C Y N 227 
TRP CZ2  C Y N 228 
TRP CZ3  C Y N 229 
TRP CH2  C Y N 230 
TRP OXT  O N N 231 
TRP H    H N N 232 
TRP H2   H N N 233 
TRP HA   H N N 234 
TRP HB2  H N N 235 
TRP HB3  H N N 236 
TRP HD1  H N N 237 
TRP HE1  H N N 238 
TRP HE3  H N N 239 
TRP HZ2  H N N 240 
TRP HZ3  H N N 241 
TRP HH2  H N N 242 
TRP HXT  H N N 243 
VAL N    N N N 244 
VAL CA   C N S 245 
VAL C    C N N 246 
VAL O    O N N 247 
VAL CB   C N N 248 
VAL CG1  C N N 249 
VAL CG2  C N N 250 
VAL OXT  O N N 251 
VAL H    H N N 252 
VAL H2   H N N 253 
VAL HA   H N N 254 
VAL HB   H N N 255 
VAL HG11 H N N 256 
VAL HG12 H N N 257 
VAL HG13 H N N 258 
VAL HG21 H N N 259 
VAL HG22 H N N 260 
VAL HG23 H N N 261 
VAL HXT  H N N 262 
# 
loop_
_chem_comp_bond.comp_id 
_chem_comp_bond.atom_id_1 
_chem_comp_bond.atom_id_2 
_chem_comp_bond.value_order 
_chem_comp_bond.pdbx_aromatic_flag 
_chem_comp_bond.pdbx_stereo_config 
_chem_comp_bond.pdbx_ordinal 
ALA N   CA   sing N N 1   
ALA N   H    sing N N 2   
ALA N   H2   sing N N 3   
ALA CA  C    sing N N 4   
ALA CA  CB   sing N N 5   
ALA CA  HA   sing N N 6   
ALA C   O    doub N N 7   
ALA C   OXT  sing N N 8   
ALA CB  HB1  sing N N 9   
ALA CB  HB2  sing N N 10  
ALA CB  HB3  sing N N 11  
ALA OXT HXT  sing N N 12  
ARG N   CA   sing N N 13  
ARG N   H    sing N N 14  
ARG N   H2   sing N N 15  
ARG CA  C    sing N N 16  
ARG CA  CB   sing N N 17  
ARG CA  HA   sing N N 18  
ARG C   O    doub N N 19  
ARG C   OXT  sing N N 20  
ARG CB  CG   sing N N 21  
ARG CB  HB2  sing N N 22  
ARG CB  HB3  sing N N 23  
ARG CG  CD   sing N N 24  
ARG CG  HG2  sing N N 25  
ARG CG  HG3  sing N N 26  
ARG CD  NE   sing N N 27  
ARG CD  HD2  sing N N 28  
ARG CD  HD3  sing N N 29  
ARG NE  CZ   sing N N 30  
ARG NE  HE   sing N N 31  
ARG CZ  NH1  sing N N 32  
ARG CZ  NH2  doub N N 33  
ARG NH1 HH11 sing N N 34  
ARG NH1 HH12 sing N N 35  
ARG NH2 HH21 sing N N 36  
ARG NH2 HH22 sing N N 37  
ARG OXT HXT  sing N N 38  
ASN N   CA   sing N N 39  
ASN N   H    sing N N 40  
ASN N   H2   sing N N 41  
ASN CA  C    sing N N 42  
ASN CA  CB   sing N N 43  
ASN CA  HA   sing N N 44  
ASN C   O    doub N N 45  
ASN C   OXT  sing N N 46  
ASN CB  CG   sing N N 47  
ASN CB  HB2  sing N N 48  
ASN CB  HB3  sing N N 49  
ASN CG  OD1  doub N N 50  
ASN CG  ND2  sing N N 51  
ASN ND2 HD21 sing N N 52  
ASN ND2 HD22 sing N N 53  
ASN OXT HXT  sing N N 54  
GLN N   CA   sing N N 55  
GLN N   H    sing N N 56  
GLN N   H2   sing N N 57  
GLN CA  C    sing N N 58  
GLN CA  CB   sing N N 59  
GLN CA  HA   sing N N 60  
GLN C   O    doub N N 61  
GLN C   OXT  sing N N 62  
GLN CB  CG   sing N N 63  
GLN CB  HB2  sing N N 64  
GLN CB  HB3  sing N N 65  
GLN CG  CD   sing N N 66  
GLN CG  HG2  sing N N 67  
GLN CG  HG3  sing N N 68  
GLN CD  OE1  doub N N 69  
GLN CD  NE2  sing N N 70  
GLN NE2 HE21 sing N N 71  
GLN NE2 HE22 sing N N 72  
GLN OXT HXT  sing N N 73  
GLU N   CA   sing N N 74  
GLU N   H    sing N N 75  
GLU N   H2   sing N N 76  
GLU CA  C    sing N N 77  
GLU CA  CB   sing N N 78  
GLU CA  HA   sing N N 79  
GLU C   O    doub N N 80  
GLU C   OXT  sing N N 81  
GLU CB  CG   sing N N 82  
GLU CB  HB2  sing N N 83  
GLU CB  HB3  sing N N 84  
GLU CG  CD   sing N N 85  
GLU CG  HG2  sing N N 86  
GLU CG  HG3  sing N N 87  
GLU CD  OE1  doub N N 88  
GLU CD  OE2  sing N N 89  
GLU OE2 HE2  sing N N 90  
GLU OXT HXT  sing N N 91  
GLY N   CA   sing N N 92  
GLY N   H    sing N N 93  
GLY N   H2   sing N N 94  
GLY CA  C    sing N N 95  
GLY CA  HA2  sing N N 96  
GLY CA  HA3  sing N N 97  
GLY C   O    doub N N 98  
GLY C   OXT  sing N N 99  
GLY OXT HXT  sing N N 100 
HIS N   CA   sing N N 101 
HIS N   H    sing N N 102 
HIS N   H2   sing N N 103 
HIS CA  C    sing N N 104 
HIS CA  CB   sing N N 105 
HIS CA  HA   sing N N 106 
HIS C   O    doub N N 107 
HIS C   OXT  sing N N 108 
HIS CB  CG   sing N N 109 
HIS CB  HB2  sing N N 110 
HIS CB  HB3  sing N N 111 
HIS CG  ND1  sing Y N 112 
HIS CG  CD2  doub Y N 113 
HIS ND1 CE1  doub Y N 114 
HIS ND1 HD1  sing N N 115 
HIS CD2 NE2  sing Y N 116 
HIS CD2 HD2  sing N N 117 
HIS CE1 NE2  sing Y N 118 
HIS CE1 HE1  sing N N 119 
HIS NE2 HE2  sing N N 120 
HIS OXT HXT  sing N N 121 
HOH O   H1   sing N N 122 
HOH O   H2   sing N N 123 
ILE N   CA   sing N N 124 
ILE N   H    sing N N 125 
ILE N   H2   sing N N 126 
ILE CA  C    sing N N 127 
ILE CA  CB   sing N N 128 
ILE CA  HA   sing N N 129 
ILE C   O    doub N N 130 
ILE C   OXT  sing N N 131 
ILE CB  CG1  sing N N 132 
ILE CB  CG2  sing N N 133 
ILE CB  HB   sing N N 134 
ILE CG1 CD1  sing N N 135 
ILE CG1 HG12 sing N N 136 
ILE CG1 HG13 sing N N 137 
ILE CG2 HG21 sing N N 138 
ILE CG2 HG22 sing N N 139 
ILE CG2 HG23 sing N N 140 
ILE CD1 HD11 sing N N 141 
ILE CD1 HD12 sing N N 142 
ILE CD1 HD13 sing N N 143 
ILE OXT HXT  sing N N 144 
LEU N   CA   sing N N 145 
LEU N   H    sing N N 146 
LEU N   H2   sing N N 147 
LEU CA  C    sing N N 148 
LEU CA  CB   sing N N 149 
LEU CA  HA   sing N N 150 
LEU C   O    doub N N 151 
LEU C   OXT  sing N N 152 
LEU CB  CG   sing N N 153 
LEU CB  HB2  sing N N 154 
LEU CB  HB3  sing N N 155 
LEU CG  CD1  sing N N 156 
LEU CG  CD2  sing N N 157 
LEU CG  HG   sing N N 158 
LEU CD1 HD11 sing N N 159 
LEU CD1 HD12 sing N N 160 
LEU CD1 HD13 sing N N 161 
LEU CD2 HD21 sing N N 162 
LEU CD2 HD22 sing N N 163 
LEU CD2 HD23 sing N N 164 
LEU OXT HXT  sing N N 165 
LYS N   CA   sing N N 166 
LYS N   H    sing N N 167 
LYS N   H2   sing N N 168 
LYS CA  C    sing N N 169 
LYS CA  CB   sing N N 170 
LYS CA  HA   sing N N 171 
LYS C   O    doub N N 172 
LYS C   OXT  sing N N 173 
LYS CB  CG   sing N N 174 
LYS CB  HB2  sing N N 175 
LYS CB  HB3  sing N N 176 
LYS CG  CD   sing N N 177 
LYS CG  HG2  sing N N 178 
LYS CG  HG3  sing N N 179 
LYS CD  CE   sing N N 180 
LYS CD  HD2  sing N N 181 
LYS CD  HD3  sing N N 182 
LYS CE  NZ   sing N N 183 
LYS CE  HE2  sing N N 184 
LYS CE  HE3  sing N N 185 
LYS NZ  HZ1  sing N N 186 
LYS NZ  HZ2  sing N N 187 
LYS NZ  HZ3  sing N N 188 
LYS OXT HXT  sing N N 189 
THR N   CA   sing N N 190 
THR N   H    sing N N 191 
THR N   H2   sing N N 192 
THR CA  C    sing N N 193 
THR CA  CB   sing N N 194 
THR CA  HA   sing N N 195 
THR C   O    doub N N 196 
THR C   OXT  sing N N 197 
THR CB  OG1  sing N N 198 
THR CB  CG2  sing N N 199 
THR CB  HB   sing N N 200 
THR OG1 HG1  sing N N 201 
THR CG2 HG21 sing N N 202 
THR CG2 HG22 sing N N 203 
THR CG2 HG23 sing N N 204 
THR OXT HXT  sing N N 205 
TRP N   CA   sing N N 206 
TRP N   H    sing N N 207 
TRP N   H2   sing N N 208 
TRP CA  C    sing N N 209 
TRP CA  CB   sing N N 210 
TRP CA  HA   sing N N 211 
TRP C   O    doub N N 212 
TRP C   OXT  sing N N 213 
TRP CB  CG   sing N N 214 
TRP CB  HB2  sing N N 215 
TRP CB  HB3  sing N N 216 
TRP CG  CD1  doub Y N 217 
TRP CG  CD2  sing Y N 218 
TRP CD1 NE1  sing Y N 219 
TRP CD1 HD1  sing N N 220 
TRP CD2 CE2  doub Y N 221 
TRP CD2 CE3  sing Y N 222 
TRP NE1 CE2  sing Y N 223 
TRP NE1 HE1  sing N N 224 
TRP CE2 CZ2  sing Y N 225 
TRP CE3 CZ3  doub Y N 226 
TRP CE3 HE3  sing N N 227 
TRP CZ2 CH2  doub Y N 228 
TRP CZ2 HZ2  sing N N 229 
TRP CZ3 CH2  sing Y N 230 
TRP CZ3 HZ3  sing N N 231 
TRP CH2 HH2  sing N N 232 
TRP OXT HXT  sing N N 233 
VAL N   CA   sing N N 234 
VAL N   H    sing N N 235 
VAL N   H2   sing N N 236 
VAL CA  C    sing N N 237 
VAL CA  CB   sing N N 238 
VAL CA  HA   sing N N 239 
VAL C   O    doub N N 240 
VAL C   OXT  sing N N 241 
VAL CB  CG1  sing N N 242 
VAL CB  CG2  sing N N 243 
VAL CB  HB   sing N N 244 
VAL CG1 HG11 sing N N 245 
VAL CG1 HG12 sing N N 246 
VAL CG1 HG13 sing N N 247 
VAL CG2 HG21 sing N N 248 
VAL CG2 HG22 sing N N 249 
VAL CG2 HG23 sing N N 250 
VAL OXT HXT  sing N N 251 
# 
_atom_sites.entry_id                    3P7K 
_atom_sites.fract_transf_matrix[1][1]   -0.01303605 
_atom_sites.fract_transf_matrix[1][2]   0.02406978 
_atom_sites.fract_transf_matrix[1][3]   0.00426628 
_atom_sites.fract_transf_matrix[2][1]   -0.00444851 
_atom_sites.fract_transf_matrix[2][2]   0.00895472 
_atom_sites.fract_transf_matrix[2][3]   0.02583671 
_atom_sites.fract_transf_matrix[3][1]   0.00578258 
_atom_sites.fract_transf_matrix[3][2]   0.00314878 
_atom_sites.fract_transf_matrix[3][3]   -0.00009570 
_atom_sites.fract_transf_vector[1]      0.349277 
_atom_sites.fract_transf_vector[2]      -0.219602 
_atom_sites.fract_transf_vector[3]      0.024416 
# 
loop_
_atom_type.symbol 
C 
N 
O 
# 
loop_
_atom_site.group_PDB 
_atom_site.id 
_atom_site.type_symbol 
_atom_site.label_atom_id 
_atom_site.label_alt_id 
_atom_site.label_comp_id 
_atom_site.label_asym_id 
_atom_site.label_entity_id 
_atom_site.label_seq_id 
_atom_site.pdbx_PDB_ins_code 
_atom_site.Cartn_x 
_atom_site.Cartn_y 
_atom_site.Cartn_z 
_atom_site.occupancy 
_atom_site.B_iso_or_equiv 
_atom_site.pdbx_formal_charge 
_atom_site.auth_seq_id 
_atom_site.auth_comp_id 
_atom_site.auth_asym_id 
_atom_site.auth_atom_id 
_atom_site.pdbx_PDB_model_num 
ATOM   1   N N   . LYS A 1 1  ? 23.552  22.693  -5.066  1.00 31.15 ? 1  LYS A N   1 
ATOM   2   C CA  . LYS A 1 1  ? 23.562  21.456  -5.918  1.00 34.51 ? 1  LYS A CA  1 
ATOM   3   C C   . LYS A 1 1  ? 23.652  20.157  -5.114  1.00 34.00 ? 1  LYS A C   1 
ATOM   4   O O   . LYS A 1 1  ? 22.758  19.325  -5.192  1.00 33.22 ? 1  LYS A O   1 
ATOM   5   C CB  . LYS A 1 1  ? 24.689  21.498  -6.934  1.00 34.92 ? 1  LYS A CB  1 
ATOM   6   C CG  . LYS A 1 1  ? 24.653  20.337  -7.907  1.00 39.92 ? 1  LYS A CG  1 
ATOM   7   C CD  . LYS A 1 1  ? 25.725  20.486  -8.975  1.00 42.95 ? 1  LYS A CD  1 
ATOM   8   C CE  . LYS A 1 1  ? 25.295  19.814  -10.269 1.00 44.27 ? 1  LYS A CE  1 
ATOM   9   N NZ  . LYS A 1 1  ? 24.057  20.473  -10.793 1.00 46.54 ? 1  LYS A NZ  1 
ATOM   10  N N   . ILE A 1 2  ? 24.748  19.941  -4.390  1.00 34.30 ? 2  ILE A N   1 
ATOM   11  C CA  . ILE A 1 2  ? 24.842  18.731  -3.565  1.00 34.74 ? 2  ILE A CA  1 
ATOM   12  C C   . ILE A 1 2  ? 23.775  18.851  -2.489  1.00 35.02 ? 2  ILE A C   1 
ATOM   13  O O   . ILE A 1 2  ? 23.162  17.855  -2.098  1.00 36.36 ? 2  ILE A O   1 
ATOM   14  C CB  . ILE A 1 2  ? 26.212  18.576  -2.877  1.00 36.19 ? 2  ILE A CB  1 
ATOM   15  C CG1 . ILE A 1 2  ? 27.273  18.257  -3.917  1.00 38.65 ? 2  ILE A CG1 1 
ATOM   16  C CG2 . ILE A 1 2  ? 26.177  17.456  -1.852  1.00 34.60 ? 2  ILE A CG2 1 
ATOM   17  C CD1 . ILE A 1 2  ? 26.924  17.069  -4.767  1.00 42.54 ? 2  ILE A CD1 1 
ATOM   18  N N   . GLU A 1 3  ? 23.541  20.087  -2.039  1.00 34.11 ? 3  GLU A N   1 
ATOM   19  C CA  . GLU A 1 3  ? 22.531  20.379  -1.023  1.00 33.72 ? 3  GLU A CA  1 
ATOM   20  C C   . GLU A 1 3  ? 21.141  20.097  -1.589  1.00 31.68 ? 3  GLU A C   1 
ATOM   21  O O   . GLU A 1 3  ? 20.296  19.528  -0.903  1.00 31.40 ? 3  GLU A O   1 
ATOM   22  C CB  . GLU A 1 3  ? 22.609  21.845  -0.578  1.00 34.47 ? 3  GLU A CB  1 
ATOM   23  C CG  . GLU A 1 3  ? 23.856  22.213  0.210   1.00 35.85 ? 3  GLU A CG  1 
ATOM   24  C CD  . GLU A 1 3  ? 25.090  22.396  -0.661  1.00 39.62 ? 3  GLU A CD  1 
ATOM   25  O OE1 . GLU A 1 3  ? 24.966  22.402  -1.909  1.00 40.50 ? 3  GLU A OE1 1 
ATOM   26  O OE2 . GLU A 1 3  ? 26.190  22.549  -0.087  1.00 42.39 ? 3  GLU A OE2 1 
ATOM   27  N N   . ALA A 1 4  ? 20.919  20.505  -2.839  1.00 30.56 ? 4  ALA A N   1 
ATOM   28  C CA  . ALA A 1 4  ? 19.642  20.295  -3.521  1.00 30.46 ? 4  ALA A CA  1 
ATOM   29  C C   . ALA A 1 4  ? 19.387  18.792  -3.741  1.00 32.64 ? 4  ALA A C   1 
ATOM   30  O O   . ALA A 1 4  ? 18.260  18.298  -3.587  1.00 32.38 ? 4  ALA A O   1 
ATOM   31  C CB  . ALA A 1 4  ? 19.634  21.038  -4.847  1.00 29.53 ? 4  ALA A CB  1 
ATOM   32  N N   . ILE A 1 5  ? 20.450  18.062  -4.080  1.00 32.76 ? 5  ILE A N   1 
ATOM   33  C CA  . ILE A 1 5  ? 20.356  16.623  -4.292  1.00 32.39 ? 5  ILE A CA  1 
ATOM   34  C C   . ILE A 1 5  ? 19.988  15.934  -2.982  1.00 32.67 ? 5  ILE A C   1 
ATOM   35  O O   . ILE A 1 5  ? 19.080  15.115  -2.941  1.00 31.07 ? 5  ILE A O   1 
ATOM   36  C CB  . ILE A 1 5  ? 21.690  16.069  -4.837  1.00 32.99 ? 5  ILE A CB  1 
ATOM   37  C CG1 . ILE A 1 5  ? 21.831  16.423  -6.325  1.00 30.83 ? 5  ILE A CG1 1 
ATOM   38  C CG2 . ILE A 1 5  ? 21.778  14.556  -4.642  1.00 30.78 ? 5  ILE A CG2 1 
ATOM   39  C CD1 . ILE A 1 5  ? 23.188  16.072  -6.910  1.00 31.03 ? 5  ILE A CD1 1 
ATOM   40  N N   . GLU A 1 6  ? 20.656  16.327  -1.902  1.00 34.74 ? 6  GLU A N   1 
ATOM   41  C CA  . GLU A 1 6  ? 20.408  15.760  -0.577  1.00 38.03 ? 6  GLU A CA  1 
ATOM   42  C C   . GLU A 1 6  ? 18.993  16.051  -0.068  1.00 38.82 ? 6  GLU A C   1 
ATOM   43  O O   . GLU A 1 6  ? 18.296  15.159  0.423   1.00 38.67 ? 6  GLU A O   1 
ATOM   44  C CB  . GLU A 1 6  ? 21.441  16.300  0.415   1.00 39.74 ? 6  GLU A CB  1 
ATOM   45  C CG  . GLU A 1 6  ? 21.337  15.719  1.800   1.00 43.97 ? 6  GLU A CG  1 
ATOM   46  C CD  . GLU A 1 6  ? 22.593  15.945  2.622   1.00 49.31 ? 6  GLU A CD  1 
ATOM   47  O OE1 . GLU A 1 6  ? 23.540  16.601  2.127   1.00 50.74 ? 6  GLU A OE1 1 
ATOM   48  O OE2 . GLU A 1 6  ? 22.639  15.451  3.770   1.00 53.69 ? 6  GLU A OE2 1 
ATOM   49  N N   . LYS A 1 7  ? 18.571  17.302  -0.195  1.00 40.19 ? 7  LYS A N   1 
ATOM   50  C CA  . LYS A 1 7  ? 17.244  17.710  0.252   1.00 41.81 ? 7  LYS A CA  1 
ATOM   51  C C   . LYS A 1 7  ? 16.186  16.885  -0.471  1.00 41.01 ? 7  LYS A C   1 
ATOM   52  O O   . LYS A 1 7  ? 15.300  16.299  0.153   1.00 41.26 ? 7  LYS A O   1 
ATOM   53  C CB  . LYS A 1 7  ? 17.034  19.201  -0.050  1.00 44.97 ? 7  LYS A CB  1 
ATOM   54  C CG  . LYS A 1 7  ? 15.679  19.800  0.368   1.00 48.11 ? 7  LYS A CG  1 
ATOM   55  C CD  . LYS A 1 7  ? 15.515  21.217  -0.210  1.00 49.53 ? 7  LYS A CD  1 
ATOM   56  C CE  . LYS A 1 7  ? 14.339  21.973  0.418   1.00 52.88 ? 7  LYS A CE  1 
ATOM   57  N NZ  . LYS A 1 7  ? 13.014  21.314  0.181   1.00 56.60 ? 7  LYS A NZ  1 
ATOM   58  N N   . LYS A 1 8  ? 16.309  16.812  -1.791  1.00 40.67 ? 8  LYS A N   1 
ATOM   59  C CA  . LYS A 1 8  ? 15.346  16.076  -2.598  1.00 39.18 ? 8  LYS A CA  1 
ATOM   60  C C   . LYS A 1 8  ? 15.372  14.601  -2.229  1.00 37.96 ? 8  LYS A C   1 
ATOM   61  O O   . LYS A 1 8  ? 14.334  13.946  -2.197  1.00 37.53 ? 8  LYS A O   1 
ATOM   62  C CB  . LYS A 1 8  ? 15.626  16.279  -4.096  1.00 40.45 ? 8  LYS A CB  1 
ATOM   63  C CG  . LYS A 1 8  ? 14.493  15.809  -5.009  1.00 45.64 ? 8  LYS A CG  1 
ATOM   64  C CD  . LYS A 1 8  ? 14.755  16.075  -6.498  1.00 48.85 ? 8  LYS A CD  1 
ATOM   65  C CE  . LYS A 1 8  ? 14.681  17.559  -6.866  1.00 49.79 ? 8  LYS A CE  1 
ATOM   66  N NZ  . LYS A 1 8  ? 14.858  17.758  -8.339  1.00 52.28 ? 8  LYS A NZ  1 
ATOM   67  N N   . GLN A 1 9  ? 16.550  14.092  -1.890  1.00 35.61 ? 9  GLN A N   1 
ATOM   68  C CA  . GLN A 1 9  ? 16.666  12.692  -1.521  1.00 34.82 ? 9  GLN A CA  1 
ATOM   69  C C   . GLN A 1 9  ? 15.948  12.369  -0.213  1.00 34.54 ? 9  GLN A C   1 
ATOM   70  O O   . GLN A 1 9  ? 15.349  11.309  -0.084  1.00 34.53 ? 9  GLN A O   1 
ATOM   71  C CB  . GLN A 1 9  ? 18.131  12.271  -1.434  1.00 34.41 ? 9  GLN A CB  1 
ATOM   72  C CG  . GLN A 1 9  ? 18.315  10.806  -1.091  1.00 33.18 ? 9  GLN A CG  1 
ATOM   73  C CD  . GLN A 1 9  ? 19.763  10.393  -1.107  1.00 35.88 ? 9  GLN A CD  1 
ATOM   74  O OE1 . GLN A 1 9  ? 20.531  10.730  -0.198  1.00 34.67 ? 9  GLN A OE1 1 
ATOM   75  N NE2 . GLN A 1 9  ? 20.157  9.666   -2.152  1.00 33.95 ? 9  GLN A NE2 1 
ATOM   76  N N   . ASN A 1 10 ? 16.031  13.265  0.767   1.00 35.58 ? 10 ASN A N   1 
ATOM   77  C CA  . ASN A 1 10 ? 15.359  13.043  2.047   1.00 35.35 ? 10 ASN A CA  1 
ATOM   78  C C   . ASN A 1 10 ? 13.849  12.929  1.836   1.00 35.66 ? 10 ASN A C   1 
ATOM   79  O O   . ASN A 1 10 ? 13.206  12.084  2.452   1.00 36.43 ? 10 ASN A O   1 
ATOM   80  C CB  . ASN A 1 10 ? 15.677  14.174  3.032   1.00 35.65 ? 10 ASN A CB  1 
ATOM   81  C CG  . ASN A 1 10 ? 17.103  14.103  3.569   1.00 36.20 ? 10 ASN A CG  1 
ATOM   82  O OD1 . ASN A 1 10 ? 17.715  13.029  3.620   1.00 37.00 ? 10 ASN A OD1 1 
ATOM   83  N ND2 . ASN A 1 10 ? 17.634  15.249  3.980   1.00 35.53 ? 10 ASN A ND2 1 
ATOM   84  N N   . ASN A 1 11 ? 13.304  13.770  0.951   1.00 34.93 ? 11 ASN A N   1 
ATOM   85  C CA  . ASN A 1 11 ? 11.873  13.773  0.621   1.00 34.00 ? 11 ASN A CA  1 
ATOM   86  C C   . ASN A 1 11 ? 11.460  12.467  -0.066  1.00 33.21 ? 11 ASN A C   1 
ATOM   87  O O   . ASN A 1 11 ? 10.422  11.878  0.249   1.00 34.05 ? 11 ASN A O   1 
ATOM   88  C CB  . ASN A 1 11 ? 11.534  14.964  -0.291  1.00 35.03 ? 11 ASN A CB  1 
ATOM   89  C CG  . ASN A 1 11 ? 11.538  16.293  0.451   1.00 37.12 ? 11 ASN A CG  1 
ATOM   90  O OD1 . ASN A 1 11 ? 11.335  16.340  1.665   1.00 36.82 ? 11 ASN A OD1 1 
ATOM   91  N ND2 . ASN A 1 11 ? 11.753  17.381  -0.279  1.00 37.11 ? 11 ASN A ND2 1 
ATOM   92  N N   . LEU A 1 12 ? 12.271  12.025  -1.018  1.00 32.14 ? 12 LEU A N   1 
ATOM   93  C CA  . LEU A 1 12 ? 12.005  10.781  -1.732  1.00 32.11 ? 12 LEU A CA  1 
ATOM   94  C C   . LEU A 1 12 ? 11.895  9.604   -0.768  1.00 30.14 ? 12 LEU A C   1 
ATOM   95  O O   . LEU A 1 12 ? 10.995  8.781   -0.896  1.00 31.15 ? 12 LEU A O   1 
ATOM   96  C CB  . LEU A 1 12 ? 13.104  10.511  -2.768  1.00 32.18 ? 12 LEU A CB  1 
ATOM   97  C CG  . LEU A 1 12 ? 12.883  11.101  -4.158  1.00 34.75 ? 12 LEU A CG  1 
ATOM   98  C CD1 . LEU A 1 12 ? 12.267  12.499  -4.098  1.00 35.46 ? 12 LEU A CD1 1 
ATOM   99  C CD2 . LEU A 1 12 ? 14.186  11.116  -4.892  1.00 36.34 ? 12 LEU A CD2 1 
ATOM   100 N N   . LEU A 1 13 ? 12.797  9.550   0.209   1.00 30.30 ? 13 LEU A N   1 
ATOM   101 C CA  . LEU A 1 13 ? 12.805  8.479   1.211   1.00 31.84 ? 13 LEU A CA  1 
ATOM   102 C C   . LEU A 1 13 ? 11.474  8.516   1.963   1.00 32.79 ? 13 LEU A C   1 
ATOM   103 O O   . LEU A 1 13 ? 10.869  7.476   2.225   1.00 32.88 ? 13 LEU A O   1 
ATOM   104 C CB  . LEU A 1 13 ? 13.942  8.697   2.216   1.00 32.51 ? 13 LEU A CB  1 
ATOM   105 C CG  . LEU A 1 13 ? 14.464  7.560   3.109   1.00 35.13 ? 13 LEU A CG  1 
ATOM   106 C CD1 . LEU A 1 13 ? 15.035  8.184   4.378   1.00 38.39 ? 13 LEU A CD1 1 
ATOM   107 C CD2 . LEU A 1 13 ? 13.392  6.533   3.487   1.00 37.59 ? 13 LEU A CD2 1 
ATOM   108 N N   . ARG A 1 14 ? 11.027  9.717   2.321   1.00 32.32 ? 14 ARG A N   1 
ATOM   109 C CA  . ARG A 1 14 ? 9.769   9.861   3.037   1.00 34.81 ? 14 ARG A CA  1 
ATOM   110 C C   . ARG A 1 14 ? 8.561   9.441   2.189   1.00 35.36 ? 14 ARG A C   1 
ATOM   111 O O   . ARG A 1 14 ? 7.647   8.776   2.688   1.00 34.13 ? 14 ARG A O   1 
ATOM   112 C CB  . ARG A 1 14 ? 9.613   11.290  3.580   1.00 36.63 ? 14 ARG A CB  1 
ATOM   113 C CG  . ARG A 1 14 ? 10.323  11.494  4.925   1.00 39.27 ? 14 ARG A CG  1 
ATOM   114 C CD  . ARG A 1 14 ? 10.030  12.848  5.562   1.00 42.38 ? 14 ARG A CD  1 
ATOM   115 N NE  . ARG A 1 14 ? 11.183  13.741  5.470   1.00 46.02 ? 14 ARG A NE  1 
ATOM   116 C CZ  . ARG A 1 14 ? 11.311  14.672  4.536   1.00 47.67 ? 14 ARG A CZ  1 
ATOM   117 N NH1 . ARG A 1 14 ? 10.345  14.826  3.634   1.00 48.48 ? 14 ARG A NH1 1 
ATOM   118 N NH2 . ARG A 1 14 ? 12.416  15.404  4.468   1.00 45.00 ? 14 ARG A NH2 1 
ATOM   119 N N   . ALA A 1 15 ? 8.577   9.780   0.902   1.00 34.86 ? 15 ALA A N   1 
ATOM   120 C CA  . ALA A 1 15 ? 7.466   9.414   0.030   1.00 34.92 ? 15 ALA A CA  1 
ATOM   121 C C   . ALA A 1 15 ? 7.416   7.892   -0.165  1.00 35.77 ? 15 ALA A C   1 
ATOM   122 O O   . ALA A 1 15 ? 6.340   7.287   -0.132  1.00 36.03 ? 15 ALA A O   1 
ATOM   123 C CB  . ALA A 1 15 ? 7.578   10.128  -1.304  1.00 33.28 ? 15 ALA A CB  1 
ATOM   124 N N   . ILE A 1 16 ? 8.579   7.269   -0.331  1.00 34.87 ? 16 ILE A N   1 
ATOM   125 C CA  . ILE A 1 16 ? 8.626   5.827   -0.508  1.00 37.82 ? 16 ILE A CA  1 
ATOM   126 C C   . ILE A 1 16 ? 8.152   5.103   0.749   1.00 38.07 ? 16 ILE A C   1 
ATOM   127 O O   . ILE A 1 16 ? 7.500   4.071   0.665   1.00 37.99 ? 16 ILE A O   1 
ATOM   128 C CB  . ILE A 1 16 ? 10.036  5.359   -0.834  1.00 39.73 ? 16 ILE A CB  1 
ATOM   129 C CG1 . ILE A 1 16 ? 10.453  5.910   -2.194  1.00 42.46 ? 16 ILE A CG1 1 
ATOM   130 C CG2 . ILE A 1 16 ? 10.091  3.840   -0.852  1.00 41.03 ? 16 ILE A CG2 1 
ATOM   131 C CD1 . ILE A 1 16 ? 11.908  5.670   -2.536  1.00 43.41 ? 16 ILE A CD1 1 
ATOM   132 N N   . GLU A 1 17 ? 8.498   5.645   1.910   1.00 38.62 ? 17 GLU A N   1 
ATOM   133 C CA  . GLU A 1 17 ? 8.096   5.055   3.176   1.00 40.89 ? 17 GLU A CA  1 
ATOM   134 C C   . GLU A 1 17 ? 6.580   5.135   3.282   1.00 40.11 ? 17 GLU A C   1 
ATOM   135 O O   . GLU A 1 17 ? 5.921   4.194   3.706   1.00 38.03 ? 17 GLU A O   1 
ATOM   136 C CB  . GLU A 1 17 ? 8.729   5.830   4.318   1.00 45.59 ? 17 GLU A CB  1 
ATOM   137 C CG  . GLU A 1 17 ? 9.351   4.956   5.382   1.00 53.57 ? 17 GLU A CG  1 
ATOM   138 C CD  . GLU A 1 17 ? 10.663  5.536   5.884   1.00 58.52 ? 17 GLU A CD  1 
ATOM   139 O OE1 . GLU A 1 17 ? 10.650  6.675   6.406   1.00 60.61 ? 17 GLU A OE1 1 
ATOM   140 O OE2 . GLU A 1 17 ? 11.708  4.864   5.730   1.00 61.62 ? 17 GLU A OE2 1 
ATOM   141 N N   . ALA A 1 18 ? 6.036   6.267   2.858   1.00 40.43 ? 18 ALA A N   1 
ATOM   142 C CA  . ALA A 1 18 ? 4.603   6.486   2.886   1.00 40.99 ? 18 ALA A CA  1 
ATOM   143 C C   . ALA A 1 18 ? 3.860   5.569   1.896   1.00 41.05 ? 18 ALA A C   1 
ATOM   144 O O   . ALA A 1 18 ? 2.787   5.048   2.206   1.00 41.70 ? 18 ALA A O   1 
ATOM   145 C CB  . ALA A 1 18 ? 4.299   7.942   2.594   1.00 40.68 ? 18 ALA A CB  1 
ATOM   146 N N   . GLN A 1 19 ? 4.428   5.349   0.717   1.00 39.99 ? 19 GLN A N   1 
ATOM   147 C CA  . GLN A 1 19 ? 3.756   4.492   -0.256  1.00 41.24 ? 19 GLN A CA  1 
ATOM   148 C C   . GLN A 1 19 ? 3.828   3.032   0.165   1.00 40.60 ? 19 GLN A C   1 
ATOM   149 O O   . GLN A 1 19 ? 2.903   2.259   -0.065  1.00 40.63 ? 19 GLN A O   1 
ATOM   150 C CB  . GLN A 1 19 ? 4.319   4.726   -1.659  1.00 41.76 ? 19 GLN A CB  1 
ATOM   151 C CG  . GLN A 1 19 ? 3.915   6.103   -2.185  1.00 46.11 ? 19 GLN A CG  1 
ATOM   152 C CD  . GLN A 1 19 ? 4.515   6.454   -3.540  1.00 48.54 ? 19 GLN A CD  1 
ATOM   153 O OE1 . GLN A 1 19 ? 5.540   5.911   -3.952  1.00 48.58 ? 19 GLN A OE1 1 
ATOM   154 N NE2 . GLN A 1 19 ? 3.883   7.397   -4.228  1.00 49.99 ? 19 GLN A NE2 1 
ATOM   155 N N   . GLN A 1 20 ? 4.900   2.700   0.875   1.00 40.19 ? 20 GLN A N   1 
ATOM   156 C CA  . GLN A 1 20 ? 5.135   1.359   1.398   1.00 42.10 ? 20 GLN A CA  1 
ATOM   157 C C   . GLN A 1 20 ? 3.947   0.982   2.297   1.00 40.93 ? 20 GLN A C   1 
ATOM   158 O O   . GLN A 1 20 ? 3.351   -0.081  2.156   1.00 39.29 ? 20 GLN A O   1 
ATOM   159 C CB  . GLN A 1 20 ? 6.418   1.403   2.240   1.00 45.28 ? 20 GLN A CB  1 
ATOM   160 C CG  . GLN A 1 20 ? 7.306   0.179   2.222   1.00 51.16 ? 20 GLN A CG  1 
ATOM   161 C CD  . GLN A 1 20 ? 8.735   0.525   2.664   1.00 54.98 ? 20 GLN A CD  1 
ATOM   162 O OE1 . GLN A 1 20 ? 9.685   0.441   1.869   1.00 54.82 ? 20 GLN A OE1 1 
ATOM   163 N NE2 . GLN A 1 20 ? 8.887   0.942   3.928   1.00 53.95 ? 20 GLN A NE2 1 
ATOM   164 N N   . HIS A 1 21 ? 3.596   1.895   3.196   1.00 39.84 ? 21 HIS A N   1 
ATOM   165 C CA  . HIS A 1 21 ? 2.504   1.678   4.128   1.00 40.97 ? 21 HIS A CA  1 
ATOM   166 C C   . HIS A 1 21 ? 1.165   1.597   3.408   1.00 41.27 ? 21 HIS A C   1 
ATOM   167 O O   . HIS A 1 21 ? 0.375   0.685   3.668   1.00 39.18 ? 21 HIS A O   1 
ATOM   168 C CB  . HIS A 1 21 ? 2.476   2.789   5.181   1.00 42.06 ? 21 HIS A CB  1 
ATOM   169 C CG  . HIS A 1 21 ? 3.702   2.837   6.046   1.00 44.31 ? 21 HIS A CG  1 
ATOM   170 N ND1 . HIS A 1 21 ? 4.266   4.021   6.474   1.00 44.45 ? 21 HIS A ND1 1 
ATOM   171 C CD2 . HIS A 1 21 ? 4.474   1.848   6.556   1.00 44.00 ? 21 HIS A CD2 1 
ATOM   172 C CE1 . HIS A 1 21 ? 5.417   3.761   7.074   1.00 44.90 ? 21 HIS A CE1 1 
ATOM   173 N NE2 . HIS A 1 21 ? 5.558   2.450   7.152   1.00 46.16 ? 21 HIS A NE2 1 
ATOM   174 N N   . LEU A 1 22 ? 0.925   2.532   2.489   1.00 40.24 ? 22 LEU A N   1 
ATOM   175 C CA  . LEU A 1 22 ? -0.321  2.553   1.733   1.00 39.26 ? 22 LEU A CA  1 
ATOM   176 C C   . LEU A 1 22 ? -0.518  1.215   1.041   1.00 37.99 ? 22 LEU A C   1 
ATOM   177 O O   . LEU A 1 22 ? -1.608  0.644   1.075   1.00 37.14 ? 22 LEU A O   1 
ATOM   178 C CB  . LEU A 1 22 ? -0.311  3.673   0.695   1.00 41.07 ? 22 LEU A CB  1 
ATOM   179 C CG  . LEU A 1 22 ? -1.586  4.526   0.663   1.00 44.46 ? 22 LEU A CG  1 
ATOM   180 C CD1 . LEU A 1 22 ? -1.634  5.356   -0.623  1.00 44.92 ? 22 LEU A CD1 1 
ATOM   181 C CD2 . LEU A 1 22 ? -2.819  3.641   0.752   1.00 43.69 ? 22 LEU A CD2 1 
ATOM   182 N N   . LEU A 1 23 ? 0.554   0.703   0.442   1.00 37.01 ? 23 LEU A N   1 
ATOM   183 C CA  . LEU A 1 23 ? 0.509   -0.590  -0.237  1.00 38.74 ? 23 LEU A CA  1 
ATOM   184 C C   . LEU A 1 23 ? 0.079   -1.708  0.706   1.00 38.23 ? 23 LEU A C   1 
ATOM   185 O O   . LEU A 1 23 ? -0.788  -2.514  0.379   1.00 37.75 ? 23 LEU A O   1 
ATOM   186 C CB  . LEU A 1 23 ? 1.877   -0.930  -0.825  1.00 39.08 ? 23 LEU A CB  1 
ATOM   187 C CG  . LEU A 1 23 ? 2.079   -0.523  -2.278  1.00 41.45 ? 23 LEU A CG  1 
ATOM   188 C CD1 . LEU A 1 23 ? 3.537   -0.697  -2.683  1.00 44.45 ? 23 LEU A CD1 1 
ATOM   189 C CD2 . LEU A 1 23 ? 1.189   -1.381  -3.148  1.00 41.78 ? 23 LEU A CD2 1 
ATOM   190 N N   . GLN A 1 24 ? 0.695   -1.764  1.878   1.00 39.66 ? 24 GLN A N   1 
ATOM   191 C CA  . GLN A 1 24 ? 0.355   -2.803  2.842   1.00 42.26 ? 24 GLN A CA  1 
ATOM   192 C C   . GLN A 1 24 ? -1.126  -2.704  3.187   1.00 40.30 ? 24 GLN A C   1 
ATOM   193 O O   . GLN A 1 24 ? -1.823  -3.709  3.322   1.00 39.94 ? 24 GLN A O   1 
ATOM   194 C CB  . GLN A 1 24 ? 1.239   -2.687  4.093   1.00 46.50 ? 24 GLN A CB  1 
ATOM   195 C CG  . GLN A 1 24 ? 2.685   -3.150  3.863   1.00 53.32 ? 24 GLN A CG  1 
ATOM   196 C CD  . GLN A 1 24 ? 2.759   -4.589  3.334   1.00 57.18 ? 24 GLN A CD  1 
ATOM   197 O OE1 . GLN A 1 24 ? 2.031   -5.478  3.804   1.00 58.41 ? 24 GLN A OE1 1 
ATOM   198 N NE2 . GLN A 1 24 ? 3.630   -4.818  2.346   1.00 57.46 ? 24 GLN A NE2 1 
ATOM   199 N N   . LEU A 1 25 ? -1.611  -1.474  3.253   1.00 38.28 ? 25 LEU A N   1 
ATOM   200 C CA  . LEU A 1 25 ? -3.005  -1.217  3.543   1.00 36.84 ? 25 LEU A CA  1 
ATOM   201 C C   . LEU A 1 25 ? -3.891  -1.793  2.425   1.00 34.95 ? 25 LEU A C   1 
ATOM   202 O O   . LEU A 1 25 ? -4.836  -2.540  2.695   1.00 32.96 ? 25 LEU A O   1 
ATOM   203 C CB  . LEU A 1 25 ? -3.217  0.286   3.684   1.00 39.36 ? 25 LEU A CB  1 
ATOM   204 C CG  . LEU A 1 25 ? -4.629  0.753   4.024   1.00 44.16 ? 25 LEU A CG  1 
ATOM   205 C CD1 . LEU A 1 25 ? -5.106  0.075   5.293   1.00 45.74 ? 25 LEU A CD1 1 
ATOM   206 C CD2 . LEU A 1 25 ? -4.639  2.268   4.175   1.00 44.78 ? 25 LEU A CD2 1 
ATOM   207 N N   . THR A 1 26 ? -3.563  -1.481  1.172   1.00 30.76 ? 26 THR A N   1 
ATOM   208 C CA  . THR A 1 26 ? -4.350  -1.988  0.059   1.00 29.95 ? 26 THR A CA  1 
ATOM   209 C C   . THR A 1 26 ? -4.284  -3.508  0.007   1.00 29.15 ? 26 THR A C   1 
ATOM   210 O O   . THR A 1 26 ? -5.289  -4.169  -0.269  1.00 26.40 ? 26 THR A O   1 
ATOM   211 C CB  . THR A 1 26 ? -3.907  -1.405  -1.309  1.00 28.23 ? 26 THR A CB  1 
ATOM   212 O OG1 . THR A 1 26 ? -2.560  -1.793  -1.592  1.00 29.71 ? 26 THR A OG1 1 
ATOM   213 C CG2 . THR A 1 26 ? -3.992  0.104   -1.288  1.00 27.76 ? 26 THR A CG2 1 
ATOM   214 N N   . VAL A 1 27 ? -3.113  -4.067  0.300   1.00 30.44 ? 27 VAL A N   1 
ATOM   215 C CA  . VAL A 1 27 ? -2.966  -5.522  0.285   1.00 33.47 ? 27 VAL A CA  1 
ATOM   216 C C   . VAL A 1 27 ? -3.914  -6.114  1.314   1.00 34.65 ? 27 VAL A C   1 
ATOM   217 O O   . VAL A 1 27 ? -4.665  -7.050  1.032   1.00 34.55 ? 27 VAL A O   1 
ATOM   218 C CB  . VAL A 1 27 ? -1.517  -5.969  0.602   1.00 34.31 ? 27 VAL A CB  1 
ATOM   219 C CG1 . VAL A 1 27 ? -1.457  -7.478  0.811   1.00 32.20 ? 27 VAL A CG1 1 
ATOM   220 C CG2 . VAL A 1 27 ? -0.584  -5.571  -0.543  1.00 34.94 ? 27 VAL A CG2 1 
ATOM   221 N N   . TRP A 1 28 ? -3.920  -5.525  2.499   1.00 35.46 ? 28 TRP A N   1 
ATOM   222 C CA  . TRP A 1 28 ? -4.801  -6.009  3.534   1.00 37.83 ? 28 TRP A CA  1 
ATOM   223 C C   . TRP A 1 28 ? -6.270  -5.817  3.124   1.00 37.29 ? 28 TRP A C   1 
ATOM   224 O O   . TRP A 1 28 ? -7.090  -6.714  3.316   1.00 37.21 ? 28 TRP A O   1 
ATOM   225 C CB  . TRP A 1 28 ? -4.494  -5.302  4.848   1.00 41.51 ? 28 TRP A CB  1 
ATOM   226 C CG  . TRP A 1 28 ? -5.454  -5.636  5.931   1.00 49.13 ? 28 TRP A CG  1 
ATOM   227 C CD1 . TRP A 1 28 ? -5.368  -6.668  6.836   1.00 50.81 ? 28 TRP A CD1 1 
ATOM   228 C CD2 . TRP A 1 28 ? -6.666  -4.942  6.231   1.00 51.23 ? 28 TRP A CD2 1 
ATOM   229 N NE1 . TRP A 1 28 ? -6.404  -6.585  7.743   1.00 52.35 ? 28 TRP A NE1 1 
ATOM   230 C CE2 . TRP A 1 28 ? -7.236  -5.558  7.368   1.00 52.27 ? 28 TRP A CE2 1 
ATOM   231 C CE3 . TRP A 1 28 ? -7.333  -3.855  5.646   1.00 51.97 ? 28 TRP A CE3 1 
ATOM   232 C CZ2 . TRP A 1 28 ? -8.443  -5.124  7.924   1.00 54.18 ? 28 TRP A CZ2 1 
ATOM   233 C CZ3 . TRP A 1 28 ? -8.629  -3.575  6.064   1.00 54.44 ? 28 TRP A CZ3 1 
ATOM   234 C CH2 . TRP A 1 28 ? -9.165  -4.194  7.212   1.00 53.75 ? 28 TRP A CH2 1 
ATOM   235 N N   . GLY A 1 29 ? -6.587  -4.676  2.513   1.00 34.92 ? 29 GLY A N   1 
ATOM   236 C CA  . GLY A 1 29 ? -7.928  -4.469  1.996   1.00 33.26 ? 29 GLY A CA  1 
ATOM   237 C C   . GLY A 1 29 ? -8.385  -5.521  0.995   1.00 34.40 ? 29 GLY A C   1 
ATOM   238 O O   . GLY A 1 29 ? -9.546  -5.945  0.997   1.00 32.65 ? 29 GLY A O   1 
ATOM   239 N N   . ILE A 1 30 ? -7.470  -5.950  0.130   1.00 35.94 ? 30 ILE A N   1 
ATOM   240 C CA  . ILE A 1 30 ? -7.782  -6.955  -0.874  1.00 35.88 ? 30 ILE A CA  1 
ATOM   241 C C   . ILE A 1 30 ? -8.000  -8.333  -0.245  1.00 36.53 ? 30 ILE A C   1 
ATOM   242 O O   . ILE A 1 30 ? -8.814  -9.119  -0.737  1.00 35.72 ? 30 ILE A O   1 
ATOM   243 C CB  . ILE A 1 30 ? -6.696  -6.984  -1.950  1.00 37.34 ? 30 ILE A CB  1 
ATOM   244 C CG1 . ILE A 1 30 ? -6.714  -5.655  -2.707  1.00 37.86 ? 30 ILE A CG1 1 
ATOM   245 C CG2 . ILE A 1 30 ? -6.934  -8.128  -2.918  1.00 36.45 ? 30 ILE A CG2 1 
ATOM   246 C CD1 . ILE A 1 30 ? -5.620  -5.509  -3.711  1.00 38.52 ? 30 ILE A CD1 1 
ATOM   247 N N   . LYS A 1 31 ? -7.303  -8.607  0.860   1.00 36.46 ? 31 LYS A N   1 
ATOM   248 C CA  . LYS A 1 31 ? -7.462  -9.875  1.575   1.00 37.00 ? 31 LYS A CA  1 
ATOM   249 C C   . LYS A 1 31 ? -8.885  -9.917  2.143   1.00 36.87 ? 31 LYS A C   1 
ATOM   250 O O   . LYS A 1 31 ? -9.524  -10.970 2.172   1.00 35.96 ? 31 LYS A O   1 
ATOM   251 C CB  . LYS A 1 31 ? -6.461  -9.996  2.729   1.00 39.96 ? 31 LYS A CB  1 
ATOM   252 C CG  . LYS A 1 31 ? -4.988  -10.189 2.331   1.00 45.47 ? 31 LYS A CG  1 
ATOM   253 C CD  . LYS A 1 31 ? -4.130  -10.513 3.578   1.00 48.40 ? 31 LYS A CD  1 
ATOM   254 C CE  . LYS A 1 31 ? -2.648  -10.675 3.241   1.00 51.10 ? 31 LYS A CE  1 
ATOM   255 N NZ  . LYS A 1 31 ? -2.414  -11.678 2.155   1.00 52.76 ? 31 LYS A NZ  1 
ATOM   256 N N   . GLN A 1 32 ? -9.369  -8.760  2.596   1.00 37.13 ? 32 GLN A N   1 
ATOM   257 C CA  . GLN A 1 32 ? -10.716 -8.634  3.147   1.00 37.20 ? 32 GLN A CA  1 
ATOM   258 C C   . GLN A 1 32 ? -11.824 -8.835  2.107   1.00 36.68 ? 32 GLN A C   1 
ATOM   259 O O   . GLN A 1 32 ? -12.823 -9.505  2.388   1.00 36.35 ? 32 GLN A O   1 
ATOM   260 C CB  . GLN A 1 32 ? -10.896 -7.273  3.811   1.00 38.01 ? 32 GLN A CB  1 
ATOM   261 C CG  . GLN A 1 32 ? -10.103 -7.126  5.072   1.00 43.78 ? 32 GLN A CG  1 
ATOM   262 C CD  . GLN A 1 32 ? -10.388 -8.248  6.051   1.00 48.62 ? 32 GLN A CD  1 
ATOM   263 O OE1 . GLN A 1 32 ? -9.548  -9.129  6.272   1.00 51.81 ? 32 GLN A OE1 1 
ATOM   264 N NE2 . GLN A 1 32 ? -11.590 -8.240  6.624   1.00 50.30 ? 32 GLN A NE2 1 
ATOM   265 N N   . LEU A 1 33 ? -11.662 -8.246  0.921   1.00 35.29 ? 33 LEU A N   1 
ATOM   266 C CA  . LEU A 1 33 ? -12.667 -8.381  -0.130  1.00 34.67 ? 33 LEU A CA  1 
ATOM   267 C C   . LEU A 1 33 ? -12.692 -9.824  -0.594  1.00 34.94 ? 33 LEU A C   1 
ATOM   268 O O   . LEU A 1 33 ? -13.749 -10.407 -0.812  1.00 34.64 ? 33 LEU A O   1 
ATOM   269 C CB  . LEU A 1 33 ? -12.347 -7.467  -1.312  1.00 34.54 ? 33 LEU A CB  1 
ATOM   270 C CG  . LEU A 1 33 ? -12.263 -5.970  -1.027  1.00 35.05 ? 33 LEU A CG  1 
ATOM   271 C CD1 . LEU A 1 33 ? -12.033 -5.225  -2.320  1.00 35.69 ? 33 LEU A CD1 1 
ATOM   272 C CD2 . LEU A 1 33 ? -13.532 -5.496  -0.363  1.00 35.73 ? 33 LEU A CD2 1 
ATOM   273 N N   . GLN A 1 34 ? -11.508 -10.405 -0.699  1.00 35.17 ? 34 GLN A N   1 
ATOM   274 C CA  . GLN A 1 34 ? -11.360 -11.783 -1.114  1.00 37.40 ? 34 GLN A CA  1 
ATOM   275 C C   . GLN A 1 34 ? -12.156 -12.695 -0.160  1.00 35.76 ? 34 GLN A C   1 
ATOM   276 O O   . GLN A 1 34 ? -12.970 -13.505 -0.605  1.00 35.25 ? 34 GLN A O   1 
ATOM   277 C CB  . GLN A 1 34 ? -9.864  -12.139 -1.124  1.00 41.65 ? 34 GLN A CB  1 
ATOM   278 C CG  . GLN A 1 34 ? -9.492  -13.347 -1.966  1.00 49.28 ? 34 GLN A CG  1 
ATOM   279 C CD  . GLN A 1 34 ? -9.933  -14.655 -1.330  1.00 55.67 ? 34 GLN A CD  1 
ATOM   280 O OE1 . GLN A 1 34 ? -9.566  -14.964 -0.188  1.00 58.95 ? 34 GLN A OE1 1 
ATOM   281 N NE2 . GLN A 1 34 ? -10.730 -15.432 -2.062  1.00 57.65 ? 34 GLN A NE2 1 
ATOM   282 N N   . ALA A 1 35 ? -11.978 -12.508 1.146   1.00 34.06 ? 35 ALA A N   1 
ATOM   283 C CA  . ALA A 1 35 ? -12.682 -13.321 2.139   1.00 33.52 ? 35 ALA A CA  1 
ATOM   284 C C   . ALA A 1 35 ? -14.191 -13.137 2.027   1.00 33.04 ? 35 ALA A C   1 
ATOM   285 O O   . ALA A 1 35 ? -14.957 -14.104 2.079   1.00 31.72 ? 35 ALA A O   1 
ATOM   286 C CB  . ALA A 1 35 ? -12.208 -12.975 3.554   1.00 32.58 ? 35 ALA A CB  1 
ATOM   287 N N   . ARG A 1 36 ? -14.618 -11.887 1.873   1.00 33.15 ? 36 ARG A N   1 
ATOM   288 C CA  . ARG A 1 36 ? -16.040 -11.592 1.738   1.00 32.36 ? 36 ARG A CA  1 
ATOM   289 C C   . ARG A 1 36 ? -16.656 -12.136 0.445   1.00 32.11 ? 36 ARG A C   1 
ATOM   290 O O   . ARG A 1 36 ? -17.760 -12.681 0.462   1.00 32.61 ? 36 ARG A O   1 
ATOM   291 C CB  . ARG A 1 36 ? -16.299 -10.094 1.893   1.00 32.16 ? 36 ARG A CB  1 
ATOM   292 C CG  . ARG A 1 36 ? -16.097 -9.626  3.317   1.00 34.51 ? 36 ARG A CG  1 
ATOM   293 C CD  . ARG A 1 36 ? -16.946 -8.412  3.643   1.00 37.46 ? 36 ARG A CD  1 
ATOM   294 N NE  . ARG A 1 36 ? -16.373 -7.190  3.104   1.00 40.43 ? 36 ARG A NE  1 
ATOM   295 C CZ  . ARG A 1 36 ? -17.079 -6.137  2.706   1.00 42.04 ? 36 ARG A CZ  1 
ATOM   296 N NH1 . ARG A 1 36 ? -18.404 -6.152  2.772   1.00 41.94 ? 36 ARG A NH1 1 
ATOM   297 N NH2 . ARG A 1 36 ? -16.450 -5.042  2.296   1.00 43.50 ? 36 ARG A NH2 1 
ATOM   298 N N   . ILE A 1 37 ? -15.951 -11.999 -0.673  1.00 31.53 ? 37 ILE A N   1 
ATOM   299 C CA  . ILE A 1 37 ? -16.453 -12.518 -1.935  1.00 32.42 ? 37 ILE A CA  1 
ATOM   300 C C   . ILE A 1 37 ? -16.522 -14.038 -1.827  1.00 32.37 ? 37 ILE A C   1 
ATOM   301 O O   . ILE A 1 37 ? -17.472 -14.660 -2.293  1.00 31.87 ? 37 ILE A O   1 
ATOM   302 C CB  . ILE A 1 37 ? -15.525 -12.148 -3.104  1.00 33.75 ? 37 ILE A CB  1 
ATOM   303 C CG1 . ILE A 1 37 ? -15.491 -10.637 -3.285  1.00 36.48 ? 37 ILE A CG1 1 
ATOM   304 C CG2 . ILE A 1 37 ? -16.007 -12.781 -4.393  1.00 33.21 ? 37 ILE A CG2 1 
ATOM   305 C CD1 . ILE A 1 37 ? -14.536 -10.177 -4.359  1.00 38.30 ? 37 ILE A CD1 1 
ATOM   306 N N   . LEU A 1 38 ? -15.513 -14.634 -1.193  1.00 32.65 ? 38 LEU A N   1 
ATOM   307 C CA  . LEU A 1 38 ? -15.484 -16.084 -1.024  1.00 31.60 ? 38 LEU A CA  1 
ATOM   308 C C   . LEU A 1 38 ? -16.738 -16.558 -0.292  1.00 31.56 ? 38 LEU A C   1 
ATOM   309 O O   . LEU A 1 38 ? -17.507 -17.341 -0.838  1.00 32.63 ? 38 LEU A O   1 
ATOM   310 C CB  . LEU A 1 38 ? -14.236 -16.528 -0.256  1.00 30.57 ? 38 LEU A CB  1 
ATOM   311 C CG  . LEU A 1 38 ? -14.048 -18.048 -0.195  1.00 33.80 ? 38 LEU A CG  1 
ATOM   312 C CD1 . LEU A 1 38 ? -13.982 -18.619 -1.613  1.00 32.36 ? 38 LEU A CD1 1 
ATOM   313 C CD2 . LEU A 1 38 ? -12.793 -18.404 0.576   1.00 33.86 ? 38 LEU A CD2 1 
ATOM   314 N N   . ALA A 1 39 ? -16.960 -16.065 0.926   1.00 31.31 ? 39 ALA A N   1 
ATOM   315 C CA  . ALA A 1 39 ? -18.132 -16.452 1.719   1.00 31.49 ? 39 ALA A CA  1 
ATOM   316 C C   . ALA A 1 39 ? -19.431 -16.346 0.918   1.00 33.71 ? 39 ALA A C   1 
ATOM   317 O O   . ALA A 1 39 ? -20.325 -17.184 1.070   1.00 34.30 ? 39 ALA A O   1 
ATOM   318 C CB  . ALA A 1 39 ? -18.228 -15.609 2.994   1.00 29.69 ? 39 ALA A CB  1 
ATOM   319 N N   . VAL A 1 40 ? -19.525 -15.330 0.057   1.00 34.19 ? 40 VAL A N   1 
ATOM   320 C CA  . VAL A 1 40 ? -20.706 -15.136 -0.789  1.00 34.92 ? 40 VAL A CA  1 
ATOM   321 C C   . VAL A 1 40 ? -20.814 -16.253 -1.829  1.00 37.35 ? 40 VAL A C   1 
ATOM   322 O O   . VAL A 1 40 ? -21.892 -16.830 -2.032  1.00 36.63 ? 40 VAL A O   1 
ATOM   323 C CB  . VAL A 1 40 ? -20.681 -13.757 -1.500  1.00 35.38 ? 40 VAL A CB  1 
ATOM   324 C CG1 . VAL A 1 40 ? -21.844 -13.650 -2.501  1.00 34.44 ? 40 VAL A CG1 1 
ATOM   325 C CG2 . VAL A 1 40 ? -20.785 -12.638 -0.469  1.00 33.31 ? 40 VAL A CG2 1 
ATOM   326 N N   . GLU A 1 41 ? -19.698 -16.557 -2.495  1.00 39.43 ? 41 GLU A N   1 
ATOM   327 C CA  . GLU A 1 41 ? -19.683 -17.637 -3.487  1.00 42.18 ? 41 GLU A CA  1 
ATOM   328 C C   . GLU A 1 41 ? -20.111 -18.947 -2.824  1.00 43.85 ? 41 GLU A C   1 
ATOM   329 O O   . GLU A 1 41 ? -20.918 -19.687 -3.375  1.00 44.62 ? 41 GLU A O   1 
ATOM   330 C CB  . GLU A 1 41 ? -18.288 -17.811 -4.093  1.00 40.86 ? 41 GLU A CB  1 
ATOM   331 C CG  . GLU A 1 41 ? -17.865 -16.683 -5.001  1.00 41.36 ? 41 GLU A CG  1 
ATOM   332 C CD  . GLU A 1 41 ? -16.368 -16.633 -5.211  1.00 39.99 ? 41 GLU A CD  1 
ATOM   333 O OE1 . GLU A 1 41 ? -15.624 -17.023 -4.296  1.00 39.98 ? 41 GLU A OE1 1 
ATOM   334 O OE2 . GLU A 1 41 ? -15.935 -16.188 -6.288  1.00 40.52 ? 41 GLU A OE2 1 
ATOM   335 N N   . LYS A 1 42 ? -19.587 -19.215 -1.628  1.00 45.75 ? 42 LYS A N   1 
ATOM   336 C CA  . LYS A 1 42 ? -19.931 -20.439 -0.904  1.00 48.46 ? 42 LYS A CA  1 
ATOM   337 C C   . LYS A 1 42 ? -21.397 -20.441 -0.486  1.00 50.08 ? 42 LYS A C   1 
ATOM   338 O O   . LYS A 1 42 ? -22.038 -21.489 -0.459  1.00 50.00 ? 42 LYS A O   1 
ATOM   339 C CB  . LYS A 1 42 ? -19.027 -20.638 0.323   1.00 48.37 ? 42 LYS A CB  1 
ATOM   340 C CG  . LYS A 1 42 ? -17.591 -21.030 -0.013  1.00 48.79 ? 42 LYS A CG  1 
ATOM   341 C CD  . LYS A 1 42 ? -16.897 -21.631 1.188   1.00 48.21 ? 42 LYS A CD  1 
ATOM   342 C CE  . LYS A 1 42 ? -15.501 -22.096 0.833   1.00 49.33 ? 42 LYS A CE  1 
ATOM   343 N NZ  . LYS A 1 42 ? -14.912 -22.964 1.902   1.00 52.35 ? 42 LYS A NZ  1 
ATOM   344 N N   . LYS A 1 43 ? -21.931 -19.256 -0.202  1.00 51.75 ? 43 LYS A N   1 
ATOM   345 C CA  . LYS A 1 43 ? -23.324 -19.132 0.205   1.00 53.35 ? 43 LYS A CA  1 
ATOM   346 C C   . LYS A 1 43 ? -24.259 -19.504 -0.945  1.00 53.48 ? 43 LYS A C   1 
ATOM   347 O O   . LYS A 1 43 ? -25.255 -20.199 -0.735  1.00 52.80 ? 43 LYS A O   1 
ATOM   348 C CB  . LYS A 1 43 ? -23.627 -17.707 0.684   1.00 55.58 ? 43 LYS A CB  1 
ATOM   349 C CG  . LYS A 1 43 ? -24.940 -17.564 1.464   1.00 59.21 ? 43 LYS A CG  1 
ATOM   350 C CD  . LYS A 1 43 ? -24.749 -17.847 2.960   1.00 62.19 ? 43 LYS A CD  1 
ATOM   351 C CE  . LYS A 1 43 ? -26.068 -17.782 3.751   1.00 63.38 ? 43 LYS A CE  1 
ATOM   352 N NZ  . LYS A 1 43 ? -26.961 -18.971 3.552   1.00 62.83 ? 43 LYS A NZ  1 
ATOM   353 N N   . ILE A 1 44 ? -23.945 -19.053 -2.156  1.00 53.95 ? 44 ILE A N   1 
ATOM   354 C CA  . ILE A 1 44 ? -24.787 -19.369 -3.309  1.00 55.54 ? 44 ILE A CA  1 
ATOM   355 C C   . ILE A 1 44 ? -24.298 -20.615 -4.059  1.00 57.80 ? 44 ILE A C   1 
ATOM   356 O O   . ILE A 1 44 ? -24.699 -20.862 -5.197  1.00 58.30 ? 44 ILE A O   1 
ATOM   357 C CB  . ILE A 1 44 ? -24.874 -18.173 -4.297  1.00 54.69 ? 44 ILE A CB  1 
ATOM   358 C CG1 . ILE A 1 44 ? -23.526 -17.929 -4.971  1.00 53.87 ? 44 ILE A CG1 1 
ATOM   359 C CG2 . ILE A 1 44 ? -25.303 -16.902 -3.572  1.00 54.28 ? 44 ILE A CG2 1 
ATOM   360 C CD1 . ILE A 1 44 ? -23.588 -16.909 -6.064  1.00 53.07 ? 44 ILE A CD1 1 
ATOM   361 N N   . GLU A 1 45 ? -23.447 -21.401 -3.403  1.00 58.88 ? 45 GLU A N   1 
ATOM   362 C CA  . GLU A 1 45 ? -22.874 -22.614 -3.985  1.00 59.36 ? 45 GLU A CA  1 
ATOM   363 C C   . GLU A 1 45 ? -23.399 -23.844 -3.271  1.00 59.70 ? 45 GLU A C   1 
ATOM   364 O O   . GLU A 1 45 ? -24.558 -24.215 -3.562  1.00 59.21 ? 45 GLU A O   1 
ATOM   365 C CB  . GLU A 1 45 ? -21.349 -22.562 -3.861  1.00 59.70 ? 45 GLU A CB  1 
ATOM   366 C CG  . GLU A 1 45 ? -20.593 -23.774 -4.348  1.00 58.62 ? 45 GLU A CG  1 
ATOM   367 C CD  . GLU A 1 45 ? -19.150 -23.730 -3.877  1.00 59.28 ? 45 GLU A CD  1 
ATOM   368 O OE1 . GLU A 1 45 ? -18.300 -23.127 -4.578  1.00 59.87 ? 45 GLU A OE1 1 
ATOM   369 O OE2 . GLU A 1 45 ? -18.879 -24.265 -2.778  1.00 58.74 ? 45 GLU A OE2 1 
HETATM 370 O O   . HOH B 2 .  ? -19.690 -11.573 2.473   1.00 42.39 ? 46 HOH A O   1 
HETATM 371 O O   . HOH B 2 .  ? -14.444 -16.469 3.644   1.00 36.01 ? 47 HOH A O   1 
HETATM 372 O O   . HOH B 2 .  ? -8.248  -13.313 1.851   1.00 32.19 ? 48 HOH A O   1 
HETATM 373 O O   . HOH B 2 .  ? -17.722 -20.252 -7.529  1.00 60.59 ? 49 HOH A O   1 
HETATM 374 O O   . HOH B 2 .  ? -18.449 -12.875 5.370   1.00 42.58 ? 50 HOH A O   1 
HETATM 375 O O   . HOH B 2 .  ? 17.975  9.903   -4.749  0.33 10.66 ? 51 HOH A O   1 
HETATM 376 O O   . HOH B 2 .  ? -21.016 -19.947 -6.608  1.00 61.17 ? 52 HOH A O   1 
HETATM 377 O O   . HOH B 2 .  ? -14.491 -21.005 3.881   1.00 50.10 ? 53 HOH A O   1 
# 
